data_2Y4D
#
_entry.id   2Y4D
#
_cell.length_a   83.315
_cell.length_b   86.260
_cell.length_c   119.576
_cell.angle_alpha   90.00
_cell.angle_beta   90.00
_cell.angle_gamma   90.00
#
_symmetry.space_group_name_H-M   'P 21 21 21'
#
loop_
_entity.id
_entity.type
_entity.pdbx_description
1 polymer 'PEROXIDASE YCDB'
2 non-polymer 'SULFATE ION'
3 non-polymer 'TETRAETHYLENE GLYCOL'
4 non-polymer 'ACETATE ION'
5 non-polymer GLYCEROL
6 water water
#
_entity_poly.entity_id   1
_entity_poly.type   'polypeptide(L)'
_entity_poly.pdbx_seq_one_letter_code
;MAHHHHHHVDDDDKIQKTQSAPGTLSPDARNEKQPFYGEHQAGILTPQQAAMMLVAFDVLASDKADLERLFRLLTQRFAF
LTQGGAAPETPNPRLPPLDSGILGGYIAPDNLTITLSVGHSLFDERFGLAPQMPKKLQKMTRFPNDSLDAALCHGDVLLQ
ICANTQDTVIHALRDIIKHTPDLLSVRWKREGFISDHAARSKGKETPINLLGFKDGTANPDSQNDKLMQKVVWVTADQQE
PAWTIGGSYQAVRLIQFRVEFWDRTPLKEQQTIFGRDKQTGAPLGMQHEHDVPDYASDPEGKVIALDSHIRLANPRTAES
ESSLMLRRGYSYSLGVTNSGQLDMGLLFVCYQHDLEKGFLTVQKRLNGEALEEYVKPIGGGYFFALPGVKDANDYFGSAL
LRV
;
_entity_poly.pdbx_strand_id   A,B
#
# COMPACT_ATOMS: atom_id res chain seq x y z
N ASP A 28 21.15 5.71 5.03
CA ASP A 28 21.76 4.43 5.49
C ASP A 28 20.81 3.57 6.32
N ALA A 29 19.50 3.86 6.20
CA ALA A 29 18.44 3.18 7.03
C ALA A 29 18.38 1.70 6.71
N ARG A 30 18.78 1.36 5.49
CA ARG A 30 18.65 0.01 4.99
C ARG A 30 19.62 -0.91 5.73
N ASN A 31 20.65 -0.34 6.36
CA ASN A 31 21.67 -1.09 7.15
C ASN A 31 21.39 -1.21 8.64
N GLU A 32 20.22 -0.75 9.08
CA GLU A 32 19.85 -0.84 10.48
C GLU A 32 19.30 -2.27 10.77
N LYS A 33 19.71 -2.85 11.89
CA LYS A 33 19.36 -4.24 12.21
C LYS A 33 18.61 -4.29 13.55
N GLN A 34 17.58 -5.10 13.61
CA GLN A 34 16.90 -5.37 14.86
C GLN A 34 17.25 -6.81 15.23
N PRO A 35 17.59 -7.06 16.51
CA PRO A 35 18.02 -8.41 16.90
C PRO A 35 16.87 -9.42 16.82
N PHE A 36 17.13 -10.58 16.23
CA PHE A 36 16.10 -11.58 16.02
C PHE A 36 15.94 -12.44 17.27
N TYR A 37 17.08 -12.89 17.82
CA TYR A 37 17.10 -13.78 18.96
C TYR A 37 17.00 -12.99 20.27
N GLY A 38 16.57 -13.68 21.30
CA GLY A 38 16.59 -13.15 22.68
C GLY A 38 15.47 -13.74 23.48
N GLU A 39 15.28 -13.16 24.67
CA GLU A 39 14.19 -13.55 25.55
C GLU A 39 12.77 -13.38 24.94
N HIS A 40 12.59 -12.28 24.20
CA HIS A 40 11.30 -11.92 23.61
C HIS A 40 11.50 -11.77 22.12
N GLN A 41 10.44 -12.01 21.33
CA GLN A 41 10.49 -11.65 19.91
C GLN A 41 10.55 -10.12 19.76
N ALA A 42 11.21 -9.68 18.69
CA ALA A 42 11.19 -8.30 18.24
C ALA A 42 9.84 -7.98 17.55
N GLY A 43 9.56 -6.70 17.31
CA GLY A 43 8.27 -6.32 16.74
C GLY A 43 7.19 -6.03 17.75
N ILE A 44 7.52 -6.12 19.05
CA ILE A 44 6.50 -5.92 20.09
C ILE A 44 6.77 -4.62 20.83
N LEU A 45 7.96 -4.53 21.44
CA LEU A 45 8.53 -3.32 22.00
C LEU A 45 9.33 -2.45 21.01
N THR A 46 9.78 -3.04 19.90
CA THR A 46 10.51 -2.31 18.88
C THR A 46 9.72 -1.04 18.50
N PRO A 47 10.36 0.17 18.46
CA PRO A 47 9.67 1.34 17.88
C PRO A 47 9.15 1.05 16.48
N GLN A 48 8.02 1.65 16.12
CA GLN A 48 7.38 1.31 14.83
C GLN A 48 8.13 1.77 13.58
N GLN A 49 8.35 0.84 12.67
CA GLN A 49 8.96 1.08 11.38
C GLN A 49 7.84 1.58 10.48
N ALA A 50 8.19 2.17 9.35
CA ALA A 50 7.22 2.81 8.46
C ALA A 50 6.32 1.82 7.69
N ALA A 51 6.78 0.60 7.45
CA ALA A 51 5.95 -0.32 6.64
C ALA A 51 5.60 -1.57 7.41
N MET A 52 4.42 -2.10 7.15
CA MET A 52 3.98 -3.27 7.88
C MET A 52 3.05 -4.14 7.03
N MET A 53 3.04 -5.44 7.32
CA MET A 53 2.13 -6.40 6.76
C MET A 53 1.67 -7.38 7.83
N LEU A 54 0.37 -7.62 7.88
CA LEU A 54 -0.20 -8.68 8.72
C LEU A 54 -0.57 -9.79 7.76
N VAL A 55 -0.09 -11.01 8.01
CA VAL A 55 -0.43 -12.14 7.10
C VAL A 55 -0.79 -13.34 7.94
N ALA A 56 -2.02 -13.81 7.79
CA ALA A 56 -2.50 -14.98 8.50
C ALA A 56 -2.43 -16.19 7.57
N PHE A 57 -2.12 -17.36 8.12
CA PHE A 57 -1.95 -18.57 7.35
C PHE A 57 -2.75 -19.72 7.95
N ASP A 58 -3.24 -20.61 7.09
CA ASP A 58 -3.65 -21.94 7.52
C ASP A 58 -2.43 -22.85 7.50
N VAL A 59 -2.22 -23.57 8.59
CA VAL A 59 -1.15 -24.55 8.68
C VAL A 59 -1.59 -25.86 8.02
N LEU A 60 -0.77 -26.35 7.10
CA LEU A 60 -1.05 -27.57 6.36
C LEU A 60 -0.30 -28.81 6.90
N ALA A 61 0.52 -28.60 7.95
CA ALA A 61 1.22 -29.70 8.64
C ALA A 61 0.26 -30.82 9.03
N SER A 62 0.60 -32.06 8.67
CA SER A 62 -0.22 -33.25 9.01
C SER A 62 -0.25 -33.59 10.49
N ASP A 63 0.87 -33.36 11.18
CA ASP A 63 1.04 -33.83 12.56
C ASP A 63 2.04 -32.98 13.32
N LYS A 64 2.20 -33.28 14.61
CA LYS A 64 3.09 -32.54 15.47
C LYS A 64 4.50 -32.50 14.92
N ALA A 65 4.89 -33.53 14.17
CA ALA A 65 6.26 -33.64 13.64
C ALA A 65 6.43 -32.69 12.45
N ASP A 66 5.41 -32.65 11.61
CA ASP A 66 5.38 -31.69 10.53
C ASP A 66 5.33 -30.24 11.10
N LEU A 67 4.65 -30.05 12.23
CA LEU A 67 4.59 -28.71 12.84
C LEU A 67 5.98 -28.26 13.34
N GLU A 68 6.67 -29.18 14.00
CA GLU A 68 8.05 -28.95 14.41
C GLU A 68 8.93 -28.63 13.21
N ARG A 69 8.81 -29.39 12.12
CA ARG A 69 9.53 -29.04 10.89
C ARG A 69 9.23 -27.56 10.46
N LEU A 70 7.96 -27.13 10.53
CA LEU A 70 7.60 -25.73 10.17
C LEU A 70 8.24 -24.69 11.11
N PHE A 71 8.07 -24.87 12.42
CA PHE A 71 8.63 -23.94 13.39
C PHE A 71 10.16 -23.80 13.26
N ARG A 72 10.86 -24.89 12.97
CA ARG A 72 12.31 -24.82 12.76
C ARG A 72 12.69 -24.06 11.49
N LEU A 73 11.93 -24.31 10.41
CA LEU A 73 12.15 -23.68 9.12
C LEU A 73 11.89 -22.16 9.19
N LEU A 74 10.84 -21.77 9.89
CA LEU A 74 10.52 -20.33 10.06
C LEU A 74 11.64 -19.64 10.87
N THR A 75 12.11 -20.31 11.93
CA THR A 75 13.26 -19.81 12.69
C THR A 75 14.44 -19.48 11.75
N GLN A 76 14.81 -20.43 10.89
CA GLN A 76 15.92 -20.24 9.97
C GLN A 76 15.72 -19.07 8.98
N ARG A 77 14.53 -19.01 8.34
CA ARG A 77 14.24 -17.95 7.38
C ARG A 77 14.23 -16.59 8.05
N PHE A 78 13.58 -16.47 9.22
CA PHE A 78 13.40 -15.14 9.85
C PHE A 78 14.79 -14.68 10.32
N ALA A 79 15.60 -15.62 10.82
CA ALA A 79 16.98 -15.34 11.24
C ALA A 79 17.83 -14.79 10.08
N PHE A 80 17.67 -15.38 8.90
CA PHE A 80 18.39 -14.93 7.72
C PHE A 80 17.87 -13.55 7.22
N LEU A 81 16.53 -13.42 7.12
CA LEU A 81 15.94 -12.24 6.52
C LEU A 81 16.19 -10.95 7.35
N THR A 82 16.06 -11.07 8.66
CA THR A 82 16.15 -9.92 9.58
C THR A 82 17.58 -9.43 9.74
N GLN A 83 18.56 -10.33 9.58
CA GLN A 83 19.95 -9.91 9.68
C GLN A 83 20.52 -9.47 8.33
N GLY A 84 19.88 -9.90 7.25
CA GLY A 84 20.27 -9.52 5.93
C GLY A 84 21.50 -10.28 5.41
N GLY A 85 21.93 -9.96 4.19
CA GLY A 85 23.06 -10.66 3.58
C GLY A 85 22.91 -10.74 2.07
N ALA A 86 23.97 -11.21 1.40
CA ALA A 86 23.93 -11.44 -0.03
C ALA A 86 22.72 -12.32 -0.32
N ALA A 87 21.97 -11.98 -1.38
CA ALA A 87 20.87 -12.81 -1.81
C ALA A 87 21.40 -14.18 -2.26
N PRO A 88 20.72 -15.28 -1.87
CA PRO A 88 21.16 -16.62 -2.27
C PRO A 88 21.29 -16.73 -3.80
N GLU A 89 22.29 -17.49 -4.23
CA GLU A 89 22.68 -17.60 -5.63
C GLU A 89 21.93 -18.74 -6.29
N THR A 90 21.73 -18.64 -7.60
CA THR A 90 21.11 -19.73 -8.36
C THR A 90 22.12 -20.30 -9.38
N PRO A 91 23.08 -21.13 -8.91
CA PRO A 91 24.12 -21.62 -9.85
C PRO A 91 23.56 -22.60 -10.92
N ASN A 92 22.55 -23.38 -10.56
CA ASN A 92 21.81 -24.21 -11.50
C ASN A 92 20.50 -23.51 -11.96
N PRO A 93 20.50 -22.92 -13.17
CA PRO A 93 19.32 -22.15 -13.61
C PRO A 93 18.12 -22.98 -14.06
N ARG A 94 18.22 -24.30 -13.97
CA ARG A 94 17.06 -25.16 -14.23
C ARG A 94 16.15 -25.23 -13.00
N LEU A 95 16.64 -24.72 -11.86
CA LEU A 95 15.87 -24.64 -10.62
C LEU A 95 15.19 -23.26 -10.54
N PRO A 96 14.02 -23.17 -9.86
CA PRO A 96 13.54 -21.82 -9.51
C PRO A 96 14.64 -21.01 -8.79
N PRO A 97 14.71 -19.68 -9.05
CA PRO A 97 15.71 -18.86 -8.34
C PRO A 97 15.55 -18.97 -6.83
N LEU A 98 16.68 -19.05 -6.12
CA LEU A 98 16.63 -19.20 -4.66
C LEU A 98 16.08 -17.94 -3.97
N ASP A 99 16.07 -16.82 -4.69
CA ASP A 99 15.50 -15.57 -4.17
C ASP A 99 14.67 -14.97 -5.27
N SER A 100 13.59 -14.26 -4.91
CA SER A 100 12.67 -13.66 -5.90
C SER A 100 13.36 -12.58 -6.73
N GLY A 101 14.45 -12.05 -6.18
CA GLY A 101 15.22 -10.98 -6.83
C GLY A 101 14.63 -9.57 -6.74
N ILE A 102 13.53 -9.39 -5.99
CA ILE A 102 12.81 -8.08 -6.04
C ILE A 102 13.62 -6.94 -5.37
N LEU A 103 14.58 -7.33 -4.51
CA LEU A 103 15.49 -6.37 -3.90
C LEU A 103 16.81 -6.24 -4.63
N GLY A 104 17.06 -7.06 -5.64
CA GLY A 104 18.39 -7.02 -6.27
C GLY A 104 19.29 -8.01 -5.56
N GLY A 105 20.60 -7.76 -5.61
CA GLY A 105 21.63 -8.72 -5.15
C GLY A 105 21.90 -8.73 -3.66
N TYR A 106 21.41 -7.73 -2.92
CA TYR A 106 21.63 -7.70 -1.47
C TYR A 106 20.32 -7.65 -0.70
N ILE A 107 20.17 -8.54 0.29
CA ILE A 107 18.97 -8.51 1.13
C ILE A 107 19.31 -7.68 2.37
N ALA A 108 19.06 -6.37 2.31
CA ALA A 108 19.37 -5.47 3.43
C ALA A 108 18.44 -5.73 4.59
N PRO A 109 18.93 -5.60 5.83
CA PRO A 109 18.08 -5.83 7.00
C PRO A 109 16.92 -4.81 7.08
N ASP A 110 17.20 -3.53 6.77
CA ASP A 110 16.16 -2.49 6.68
C ASP A 110 15.24 -2.49 7.90
N ASN A 111 15.79 -2.70 9.11
CA ASN A 111 15.01 -2.72 10.37
C ASN A 111 13.87 -3.78 10.40
N LEU A 112 14.04 -4.84 9.61
CA LEU A 112 13.00 -5.90 9.53
C LEU A 112 12.84 -6.62 10.86
N THR A 113 11.58 -6.75 11.31
CA THR A 113 11.22 -7.64 12.37
C THR A 113 10.07 -8.48 11.84
N ILE A 114 10.05 -9.74 12.27
CA ILE A 114 8.98 -10.72 11.94
C ILE A 114 8.54 -11.40 13.22
N THR A 115 7.31 -11.12 13.64
CA THR A 115 6.78 -11.63 14.90
C THR A 115 5.75 -12.72 14.60
N LEU A 116 5.91 -13.89 15.23
CA LEU A 116 5.05 -15.04 14.98
C LEU A 116 4.09 -15.27 16.15
N SER A 117 2.80 -15.41 15.84
CA SER A 117 1.80 -15.66 16.86
C SER A 117 0.90 -16.82 16.43
N VAL A 118 0.25 -17.47 17.38
CA VAL A 118 -0.51 -18.70 17.02
C VAL A 118 -1.95 -18.52 17.45
N GLY A 119 -2.89 -18.97 16.63
CA GLY A 119 -4.34 -18.83 16.95
C GLY A 119 -4.90 -19.97 17.81
N HIS A 120 -6.05 -19.72 18.42
CA HIS A 120 -6.84 -20.73 19.11
C HIS A 120 -6.94 -22.04 18.33
N SER A 121 -7.11 -21.96 17.01
CA SER A 121 -7.28 -23.15 16.18
C SER A 121 -6.09 -24.13 16.18
N LEU A 122 -4.87 -23.63 16.43
CA LEU A 122 -3.67 -24.51 16.44
C LEU A 122 -3.73 -25.54 17.61
N PHE A 123 -4.57 -25.26 18.61
CA PHE A 123 -4.68 -26.07 19.81
C PHE A 123 -5.86 -27.05 19.73
N ASP A 124 -6.25 -27.38 18.49
CA ASP A 124 -7.30 -28.35 18.24
C ASP A 124 -6.69 -29.78 18.30
N GLU A 125 -7.36 -30.74 17.67
CA GLU A 125 -6.94 -32.15 17.76
C GLU A 125 -5.75 -32.53 16.87
N ARG A 126 -5.34 -31.65 15.95
CA ARG A 126 -4.34 -32.03 14.96
C ARG A 126 -2.94 -32.33 15.52
N PHE A 127 -2.52 -31.60 16.54
CA PHE A 127 -1.11 -31.62 16.94
C PHE A 127 -0.86 -31.95 18.41
N GLY A 128 -1.91 -32.25 19.15
CA GLY A 128 -1.76 -32.69 20.56
C GLY A 128 -1.52 -31.57 21.54
N LEU A 129 -1.74 -30.33 21.11
CA LEU A 129 -1.41 -29.14 21.92
C LEU A 129 -2.52 -28.64 22.83
N ALA A 130 -3.70 -29.26 22.75
CA ALA A 130 -4.86 -28.80 23.52
C ALA A 130 -4.62 -28.56 25.01
N PRO A 131 -3.90 -29.48 25.70
CA PRO A 131 -3.62 -29.26 27.13
C PRO A 131 -2.74 -28.03 27.42
N GLN A 132 -1.96 -27.58 26.42
CA GLN A 132 -1.03 -26.46 26.61
C GLN A 132 -1.61 -25.10 26.27
N MET A 133 -2.88 -25.06 25.88
CA MET A 133 -3.45 -23.81 25.43
C MET A 133 -3.36 -22.70 26.46
N PRO A 134 -2.84 -21.51 26.06
CA PRO A 134 -2.85 -20.38 27.00
C PRO A 134 -4.23 -20.22 27.63
N LYS A 135 -4.28 -19.83 28.90
CA LYS A 135 -5.53 -19.81 29.69
C LYS A 135 -6.63 -18.90 29.12
N LYS A 136 -6.24 -17.82 28.45
CA LYS A 136 -7.17 -16.79 27.99
C LYS A 136 -7.32 -16.75 26.47
N LEU A 137 -6.63 -17.65 25.76
CA LEU A 137 -6.73 -17.69 24.30
C LEU A 137 -8.11 -18.22 23.88
N GLN A 138 -8.77 -17.46 23.01
CA GLN A 138 -10.06 -17.83 22.46
C GLN A 138 -10.16 -17.34 21.02
N LYS A 139 -11.06 -17.94 20.27
CA LYS A 139 -11.40 -17.45 18.94
C LYS A 139 -12.12 -16.11 19.17
N MET A 140 -11.87 -15.12 18.31
CA MET A 140 -12.50 -13.83 18.47
C MET A 140 -13.97 -13.98 18.09
N THR A 141 -14.84 -13.44 18.94
CA THR A 141 -16.26 -13.37 18.62
C THR A 141 -16.68 -11.90 18.55
N ARG A 142 -17.78 -11.60 17.87
CA ARG A 142 -18.08 -10.22 17.53
C ARG A 142 -18.48 -9.41 18.76
N PHE A 143 -18.12 -8.12 18.73
CA PHE A 143 -18.66 -7.13 19.61
C PHE A 143 -19.83 -6.48 18.89
N PRO A 144 -20.59 -5.63 19.60
CA PRO A 144 -21.87 -5.08 19.11
C PRO A 144 -21.79 -4.28 17.80
N ASN A 145 -20.69 -3.52 17.59
CA ASN A 145 -20.55 -2.71 16.38
C ASN A 145 -19.79 -3.40 15.22
N ASP A 146 -19.58 -4.72 15.30
CA ASP A 146 -18.72 -5.40 14.34
C ASP A 146 -19.48 -5.78 13.09
N SER A 147 -18.76 -5.87 11.98
CA SER A 147 -19.26 -6.44 10.73
C SER A 147 -18.23 -7.43 10.17
N LEU A 148 -17.96 -8.48 10.92
CA LEU A 148 -16.87 -9.40 10.63
C LEU A 148 -17.10 -10.16 9.33
N ASP A 149 -16.07 -10.15 8.51
CA ASP A 149 -16.03 -10.85 7.24
C ASP A 149 -15.23 -12.15 7.46
N ALA A 150 -15.86 -13.30 7.23
CA ALA A 150 -15.18 -14.58 7.45
C ALA A 150 -13.80 -14.65 6.74
N ALA A 151 -13.70 -14.02 5.58
CA ALA A 151 -12.51 -14.06 4.73
C ALA A 151 -11.33 -13.33 5.39
N LEU A 152 -11.59 -12.55 6.45
CA LEU A 152 -10.56 -11.70 7.09
C LEU A 152 -10.35 -11.99 8.58
N CYS A 153 -10.73 -13.19 9.03
CA CYS A 153 -10.71 -13.50 10.49
C CYS A 153 -9.89 -14.72 10.77
N HIS A 154 -9.28 -14.73 11.97
CA HIS A 154 -8.58 -15.86 12.55
C HIS A 154 -7.39 -16.37 11.72
N GLY A 155 -7.07 -17.66 11.87
CA GLY A 155 -5.88 -18.28 11.27
C GLY A 155 -5.12 -19.09 12.30
N ASP A 156 -4.43 -20.14 11.84
CA ASP A 156 -3.62 -21.02 12.71
C ASP A 156 -2.38 -20.29 13.23
N VAL A 157 -1.77 -19.51 12.33
CA VAL A 157 -0.62 -18.66 12.66
C VAL A 157 -0.81 -17.27 12.04
N LEU A 158 -0.22 -16.26 12.68
CA LEU A 158 -0.10 -14.91 12.10
C LEU A 158 1.36 -14.44 12.16
N LEU A 159 1.79 -13.79 11.07
CA LEU A 159 3.06 -13.07 11.01
C LEU A 159 2.75 -11.58 10.93
N GLN A 160 3.42 -10.82 11.77
CA GLN A 160 3.44 -9.38 11.65
C GLN A 160 4.86 -9.04 11.18
N ILE A 161 4.95 -8.55 9.97
CA ILE A 161 6.22 -8.32 9.30
C ILE A 161 6.36 -6.80 9.12
N CYS A 162 7.39 -6.22 9.76
CA CYS A 162 7.56 -4.76 9.73
C CYS A 162 8.99 -4.44 9.28
N ALA A 163 9.18 -3.36 8.51
CA ALA A 163 10.51 -2.93 8.04
C ALA A 163 10.40 -1.46 7.66
N ASN A 164 11.52 -0.84 7.28
CA ASN A 164 11.51 0.54 6.82
C ASN A 164 10.73 0.75 5.55
N THR A 165 10.74 -0.24 4.64
CA THR A 165 10.13 -0.10 3.32
C THR A 165 9.27 -1.31 2.98
N GLN A 166 8.26 -1.06 2.16
CA GLN A 166 7.35 -2.10 1.75
C GLN A 166 8.10 -3.20 0.95
N ASP A 167 9.12 -2.80 0.21
CA ASP A 167 9.90 -3.76 -0.61
C ASP A 167 10.43 -4.89 0.25
N THR A 168 10.93 -4.54 1.43
CA THR A 168 11.60 -5.49 2.34
C THR A 168 10.58 -6.44 2.94
N VAL A 169 9.43 -5.89 3.34
CA VAL A 169 8.33 -6.70 3.87
C VAL A 169 7.79 -7.71 2.78
N ILE A 170 7.56 -7.24 1.57
CA ILE A 170 7.10 -8.13 0.48
C ILE A 170 8.16 -9.21 0.17
N HIS A 171 9.43 -8.81 0.16
CA HIS A 171 10.48 -9.78 -0.11
C HIS A 171 10.48 -10.90 0.94
N ALA A 172 10.33 -10.52 2.21
CA ALA A 172 10.29 -11.48 3.30
C ALA A 172 9.13 -12.47 3.15
N LEU A 173 7.94 -11.93 2.87
CA LEU A 173 6.76 -12.79 2.73
C LEU A 173 7.02 -13.85 1.65
N ARG A 174 7.53 -13.39 0.53
CA ARG A 174 7.67 -14.29 -0.61
C ARG A 174 8.74 -15.35 -0.39
N ASP A 175 9.77 -15.00 0.37
CA ASP A 175 10.78 -15.97 0.79
C ASP A 175 10.15 -17.06 1.66
N ILE A 176 9.34 -16.62 2.62
CA ILE A 176 8.64 -17.53 3.53
C ILE A 176 7.66 -18.46 2.78
N ILE A 177 6.83 -17.90 1.91
CA ILE A 177 5.92 -18.71 1.06
C ILE A 177 6.67 -19.74 0.16
N LYS A 178 7.74 -19.33 -0.51
CA LYS A 178 8.56 -20.24 -1.37
C LYS A 178 9.08 -21.45 -0.60
N HIS A 179 9.45 -21.24 0.66
CA HIS A 179 10.00 -22.30 1.48
C HIS A 179 8.94 -23.18 2.14
N THR A 180 7.64 -22.85 2.05
CA THR A 180 6.60 -23.54 2.83
C THR A 180 5.36 -24.03 2.05
N PRO A 181 5.51 -24.38 0.75
CA PRO A 181 4.34 -24.68 -0.06
C PRO A 181 3.56 -25.90 0.47
N ASP A 182 4.20 -26.73 1.30
CA ASP A 182 3.57 -27.93 1.83
C ASP A 182 3.13 -27.72 3.27
N LEU A 183 3.35 -26.52 3.83
CA LEU A 183 3.10 -26.38 5.26
C LEU A 183 2.24 -25.18 5.67
N LEU A 184 2.18 -24.17 4.82
CA LEU A 184 1.38 -22.98 5.11
C LEU A 184 0.60 -22.60 3.86
N SER A 185 -0.59 -22.05 4.07
CA SER A 185 -1.38 -21.53 2.98
C SER A 185 -1.93 -20.16 3.40
N VAL A 186 -1.69 -19.14 2.59
CA VAL A 186 -2.11 -17.75 2.93
C VAL A 186 -3.61 -17.72 3.16
N ARG A 187 -4.00 -17.19 4.29
CA ARG A 187 -5.44 -17.05 4.64
C ARG A 187 -5.98 -15.63 4.30
N TRP A 188 -5.45 -14.63 5.02
CA TRP A 188 -5.75 -13.24 4.76
C TRP A 188 -4.47 -12.40 4.93
N LYS A 189 -4.45 -11.24 4.29
CA LYS A 189 -3.27 -10.38 4.38
C LYS A 189 -3.66 -8.93 4.18
N ARG A 190 -2.99 -8.04 4.92
CA ARG A 190 -3.20 -6.60 4.77
C ARG A 190 -1.91 -5.83 5.05
N GLU A 191 -1.63 -4.81 4.26
CA GLU A 191 -0.42 -4.02 4.40
C GLU A 191 -0.78 -2.65 4.97
N GLY A 192 0.11 -2.12 5.81
CA GLY A 192 -0.13 -0.83 6.41
C GLY A 192 1.13 0.01 6.55
N PHE A 193 0.95 1.23 7.07
CA PHE A 193 2.03 2.21 7.17
C PHE A 193 1.79 3.19 8.32
N ILE A 194 2.87 3.82 8.75
CA ILE A 194 2.74 5.09 9.52
C ILE A 194 3.54 6.17 8.77
N SER A 195 3.47 7.44 9.15
CA SER A 195 4.35 8.40 8.46
C SER A 195 5.85 8.17 8.69
N ASP A 196 6.65 8.54 7.70
CA ASP A 196 8.11 8.45 7.84
C ASP A 196 8.64 9.37 8.95
N HIS A 197 8.05 10.55 9.12
CA HIS A 197 8.57 11.38 10.22
C HIS A 197 8.36 10.74 11.60
N ALA A 198 7.14 10.26 11.83
CA ALA A 198 6.86 9.54 13.05
C ALA A 198 7.75 8.30 13.17
N ALA A 199 7.97 7.58 12.05
CA ALA A 199 8.88 6.42 12.09
C ALA A 199 10.33 6.82 12.44
N ARG A 200 10.83 7.89 11.82
CA ARG A 200 12.21 8.36 12.10
C ARG A 200 12.45 8.85 13.53
N SER A 201 11.38 9.27 14.20
CA SER A 201 11.45 9.70 15.60
C SER A 201 11.72 8.55 16.57
N LYS A 202 11.76 7.33 16.05
CA LYS A 202 11.98 6.09 16.84
C LYS A 202 11.17 6.02 18.16
N GLY A 203 9.86 6.25 18.05
CA GLY A 203 8.95 6.25 19.21
C GLY A 203 8.82 7.60 19.94
N LYS A 204 9.41 8.65 19.38
CA LYS A 204 9.39 9.96 20.06
C LYS A 204 8.19 10.83 19.68
N GLU A 205 7.65 10.61 18.49
CA GLU A 205 6.52 11.42 18.00
C GLU A 205 5.40 10.51 17.53
N THR A 206 4.18 10.82 17.96
CA THR A 206 3.03 9.93 17.79
C THR A 206 2.52 9.92 16.34
N PRO A 207 2.30 8.73 15.77
CA PRO A 207 1.73 8.64 14.43
C PRO A 207 0.34 9.23 14.38
N ILE A 208 -0.02 9.88 13.27
CA ILE A 208 -1.39 10.40 13.10
C ILE A 208 -2.14 9.37 12.26
N ASN A 209 -3.34 9.02 12.73
CA ASN A 209 -4.18 8.08 12.00
C ASN A 209 -4.94 8.74 10.83
N LEU A 210 -5.70 7.95 10.06
CA LEU A 210 -6.37 8.50 8.87
C LEU A 210 -7.61 9.38 9.18
N LEU A 211 -7.94 9.52 10.46
CA LEU A 211 -9.01 10.45 10.86
C LEU A 211 -8.40 11.76 11.31
N GLY A 212 -7.08 11.86 11.19
CA GLY A 212 -6.38 13.09 11.50
C GLY A 212 -6.04 13.29 12.98
N PHE A 213 -6.20 12.24 13.78
CA PHE A 213 -5.90 12.30 15.21
C PHE A 213 -4.67 11.46 15.58
N LYS A 214 -3.95 11.90 16.61
CA LYS A 214 -2.75 11.17 17.07
C LYS A 214 -3.14 9.82 17.65
N ASP A 215 -2.32 8.81 17.38
CA ASP A 215 -2.66 7.42 17.60
C ASP A 215 -1.72 6.76 18.60
N GLY A 216 -2.25 6.34 19.75
CA GLY A 216 -1.44 5.68 20.78
C GLY A 216 -0.69 6.63 21.70
N THR A 217 -1.20 7.85 21.82
CA THR A 217 -0.60 8.88 22.68
C THR A 217 -0.35 8.40 24.10
N ALA A 218 -1.35 7.71 24.65
CA ALA A 218 -1.33 7.27 26.05
C ALA A 218 -0.75 5.87 26.28
N ASN A 219 0.08 5.40 25.35
CA ASN A 219 0.75 4.11 25.47
C ASN A 219 1.68 4.07 26.68
N PRO A 220 1.67 2.94 27.43
CA PRO A 220 2.67 2.79 28.49
C PRO A 220 4.08 2.84 27.90
N ASP A 221 5.07 3.22 28.70
CA ASP A 221 6.46 3.43 28.22
C ASP A 221 7.15 2.11 27.88
N SER A 222 7.29 1.82 26.59
CA SER A 222 7.84 0.52 26.17
C SER A 222 9.32 0.34 26.45
N GLN A 223 10.00 1.43 26.77
CA GLN A 223 11.41 1.39 27.18
C GLN A 223 11.51 1.12 28.66
N ASN A 224 10.42 1.35 29.39
CA ASN A 224 10.37 1.00 30.78
C ASN A 224 10.34 -0.53 30.94
N ASP A 225 11.54 -1.08 30.95
CA ASP A 225 11.85 -2.43 31.42
C ASP A 225 10.81 -3.05 32.40
N LYS A 226 10.64 -2.42 33.56
CA LYS A 226 9.86 -2.99 34.66
C LYS A 226 8.33 -2.96 34.38
N LEU A 227 7.89 -1.89 33.73
CA LEU A 227 6.48 -1.71 33.39
C LEU A 227 6.02 -2.79 32.40
N MET A 228 6.81 -3.01 31.33
CA MET A 228 6.52 -4.02 30.30
C MET A 228 6.41 -5.43 30.88
N GLN A 229 7.16 -5.69 31.94
CA GLN A 229 7.11 -6.99 32.61
C GLN A 229 5.75 -7.19 33.22
N LYS A 230 5.15 -6.10 33.68
CA LYS A 230 3.80 -6.15 34.25
C LYS A 230 2.75 -6.13 33.14
N VAL A 231 2.90 -5.20 32.19
CA VAL A 231 1.84 -4.90 31.17
C VAL A 231 1.77 -5.85 29.97
N VAL A 232 2.92 -6.10 29.35
CA VAL A 232 3.02 -6.83 28.07
C VAL A 232 3.38 -8.31 28.17
N TRP A 233 4.43 -8.62 28.93
CA TRP A 233 4.98 -9.97 28.93
C TRP A 233 4.27 -10.88 29.90
N VAL A 234 4.09 -12.14 29.48
CA VAL A 234 3.66 -13.18 30.39
C VAL A 234 4.83 -13.56 31.29
N THR A 235 4.57 -13.55 32.60
CA THR A 235 5.54 -13.95 33.64
C THR A 235 5.09 -15.20 34.40
N ALA A 236 5.98 -15.77 35.21
CA ALA A 236 5.68 -16.97 36.01
C ALA A 236 4.49 -16.86 36.99
N ASP A 237 4.26 -15.68 37.57
CA ASP A 237 3.22 -15.50 38.58
C ASP A 237 1.78 -15.61 38.04
N GLN A 238 1.63 -15.72 36.72
CA GLN A 238 0.32 -15.90 36.08
C GLN A 238 0.06 -17.39 36.01
N GLN A 239 -1.20 -17.79 35.94
CA GLN A 239 -1.50 -19.23 36.06
C GLN A 239 -1.21 -20.03 34.79
N GLU A 240 -0.29 -19.53 33.97
CA GLU A 240 -0.18 -19.96 32.57
C GLU A 240 0.73 -21.17 32.42
N PRO A 241 0.53 -21.97 31.37
CA PRO A 241 1.51 -23.00 31.04
C PRO A 241 2.89 -22.34 30.87
N ALA A 242 3.95 -23.05 31.28
CA ALA A 242 5.32 -22.50 31.32
C ALA A 242 5.87 -22.09 29.97
N TRP A 243 5.49 -22.78 28.91
CA TRP A 243 5.95 -22.44 27.55
C TRP A 243 5.61 -20.98 27.13
N THR A 244 4.59 -20.38 27.78
CA THR A 244 4.12 -19.06 27.36
C THR A 244 4.98 -17.94 27.94
N ILE A 245 5.85 -18.27 28.90
CA ILE A 245 6.58 -17.22 29.61
C ILE A 245 7.54 -16.51 28.65
N GLY A 246 7.48 -15.18 28.62
CA GLY A 246 8.24 -14.39 27.65
C GLY A 246 7.46 -14.08 26.36
N GLY A 247 6.31 -14.72 26.19
CA GLY A 247 5.39 -14.38 25.08
C GLY A 247 4.37 -13.30 25.47
N SER A 248 3.36 -13.07 24.60
CA SER A 248 2.38 -12.01 24.88
C SER A 248 1.09 -12.30 24.14
N TYR A 249 -0.06 -11.92 24.72
CA TYR A 249 -1.34 -12.12 24.01
C TYR A 249 -1.45 -10.98 23.03
N GLN A 250 -1.93 -11.29 21.82
CA GLN A 250 -1.94 -10.30 20.76
C GLN A 250 -3.36 -10.22 20.24
N ALA A 251 -3.93 -9.02 20.29
CA ALA A 251 -5.25 -8.80 19.66
C ALA A 251 -5.10 -7.94 18.41
N VAL A 252 -5.68 -8.41 17.31
CA VAL A 252 -5.62 -7.76 16.00
C VAL A 252 -7.04 -7.41 15.50
N ARG A 253 -7.25 -6.16 15.08
CA ARG A 253 -8.58 -5.72 14.60
C ARG A 253 -8.41 -4.91 13.31
N LEU A 254 -9.06 -5.39 12.25
CA LEU A 254 -9.06 -4.72 10.97
C LEU A 254 -10.29 -3.82 10.98
N ILE A 255 -10.04 -2.51 11.01
CA ILE A 255 -11.12 -1.54 11.25
C ILE A 255 -11.21 -0.54 10.10
N GLN A 256 -12.34 -0.57 9.39
CA GLN A 256 -12.55 0.33 8.27
C GLN A 256 -13.04 1.70 8.82
N PHE A 257 -12.64 2.83 8.21
CA PHE A 257 -13.14 4.16 8.63
C PHE A 257 -14.10 4.70 7.58
N ARG A 258 -15.15 5.42 8.00
CA ARG A 258 -16.00 6.07 7.01
C ARG A 258 -15.43 7.47 6.77
N VAL A 259 -14.38 7.53 5.93
CA VAL A 259 -13.59 8.77 5.81
C VAL A 259 -14.31 9.94 5.13
N GLU A 260 -15.12 9.68 4.10
CA GLU A 260 -15.83 10.80 3.43
C GLU A 260 -16.77 11.47 4.40
N PHE A 261 -17.55 10.64 5.09
CA PHE A 261 -18.49 11.08 6.11
C PHE A 261 -17.75 11.80 7.25
N TRP A 262 -16.67 11.21 7.76
CA TRP A 262 -15.85 11.89 8.76
C TRP A 262 -15.41 13.29 8.31
N ASP A 263 -14.85 13.38 7.11
CA ASP A 263 -14.31 14.64 6.58
C ASP A 263 -15.41 15.74 6.37
N ARG A 264 -16.67 15.30 6.30
CA ARG A 264 -17.87 16.19 6.23
C ARG A 264 -18.60 16.40 7.57
N THR A 265 -17.97 15.96 8.66
CA THR A 265 -18.44 16.13 10.04
C THR A 265 -17.71 17.31 10.73
N PRO A 266 -18.45 18.18 11.46
CA PRO A 266 -17.83 19.34 12.12
C PRO A 266 -16.62 18.98 12.97
N LEU A 267 -15.60 19.84 12.93
CA LEU A 267 -14.45 19.64 13.83
C LEU A 267 -14.86 19.48 15.31
N LYS A 268 -15.85 20.27 15.76
CA LYS A 268 -16.34 20.15 17.13
C LYS A 268 -16.78 18.73 17.46
N GLU A 269 -17.58 18.13 16.57
CA GLU A 269 -18.01 16.76 16.78
C GLU A 269 -16.85 15.73 16.70
N GLN A 270 -15.94 15.92 15.75
CA GLN A 270 -14.71 15.11 15.71
C GLN A 270 -13.99 15.10 17.08
N GLN A 271 -13.74 16.29 17.64
CA GLN A 271 -13.06 16.40 18.94
C GLN A 271 -13.90 15.84 20.09
N THR A 272 -15.22 15.97 20.00
CA THR A 272 -16.09 15.45 21.08
C THR A 272 -16.03 13.91 21.10
N ILE A 273 -15.94 13.34 19.89
CA ILE A 273 -15.87 11.90 19.73
C ILE A 273 -14.56 11.37 20.31
N PHE A 274 -13.44 12.00 20.01
CA PHE A 274 -12.16 11.50 20.56
C PHE A 274 -11.91 11.94 22.01
N GLY A 275 -12.49 13.06 22.40
CA GLY A 275 -12.20 13.62 23.72
C GLY A 275 -10.91 14.42 23.77
N ARG A 276 -10.37 14.74 22.60
CA ARG A 276 -9.06 15.40 22.47
C ARG A 276 -9.09 16.57 21.49
N ASP A 277 -8.18 17.52 21.67
CA ASP A 277 -7.91 18.55 20.68
C ASP A 277 -7.22 17.92 19.47
N LYS A 278 -7.75 18.17 18.26
CA LYS A 278 -7.24 17.54 17.04
C LYS A 278 -5.77 17.87 16.73
N GLN A 279 -5.45 19.16 16.77
CA GLN A 279 -4.09 19.64 16.46
C GLN A 279 -2.99 19.18 17.45
N THR A 280 -3.26 19.27 18.75
CA THR A 280 -2.24 18.91 19.75
C THR A 280 -2.33 17.48 20.26
N GLY A 281 -3.52 16.88 20.21
CA GLY A 281 -3.75 15.55 20.79
C GLY A 281 -3.93 15.62 22.30
N ALA A 282 -3.95 16.84 22.85
CA ALA A 282 -4.20 17.04 24.28
C ALA A 282 -5.64 16.73 24.61
N PRO A 283 -5.90 16.08 25.76
CA PRO A 283 -7.29 15.87 26.14
C PRO A 283 -7.97 17.22 26.27
N LEU A 284 -9.28 17.26 26.01
CA LEU A 284 -10.00 18.53 25.94
C LEU A 284 -10.01 19.21 27.31
N GLY A 285 -9.83 20.52 27.29
CA GLY A 285 -9.68 21.33 28.51
C GLY A 285 -8.29 21.24 29.14
N MET A 286 -7.30 20.75 28.39
CA MET A 286 -5.91 20.59 28.87
C MET A 286 -4.86 21.07 27.86
N GLN A 287 -3.59 21.11 28.27
CA GLN A 287 -2.53 21.77 27.50
C GLN A 287 -1.61 20.85 26.68
N HIS A 288 -1.30 19.67 27.22
CA HIS A 288 -0.27 18.81 26.65
C HIS A 288 -0.80 17.48 26.12
N GLU A 289 -0.20 17.00 25.03
CA GLU A 289 -0.55 15.73 24.39
C GLU A 289 -0.74 14.61 25.43
N HIS A 290 0.29 14.38 26.25
CA HIS A 290 0.29 13.29 27.24
C HIS A 290 -0.28 13.69 28.62
N ASP A 291 -1.00 14.81 28.70
CA ASP A 291 -1.75 15.17 29.91
C ASP A 291 -2.80 14.10 30.27
N VAL A 292 -3.01 13.89 31.56
CA VAL A 292 -4.02 12.92 32.00
C VAL A 292 -5.18 13.67 32.66
N PRO A 293 -6.42 13.42 32.18
CA PRO A 293 -7.57 14.16 32.73
C PRO A 293 -8.02 13.67 34.10
N ASP A 294 -8.66 14.56 34.85
CA ASP A 294 -9.33 14.16 36.09
C ASP A 294 -10.84 14.25 35.89
N TYR A 295 -11.44 13.09 35.66
CA TYR A 295 -12.87 13.00 35.35
C TYR A 295 -13.80 13.40 36.49
N ALA A 296 -13.30 13.33 37.73
CA ALA A 296 -14.08 13.72 38.92
C ALA A 296 -14.53 15.20 38.87
N SER A 297 -13.68 16.06 38.31
CA SER A 297 -13.98 17.49 38.13
C SER A 297 -15.08 17.77 37.08
N ASP A 298 -15.41 16.76 36.28
CA ASP A 298 -16.33 16.90 35.15
C ASP A 298 -17.31 15.72 35.09
N PRO A 299 -18.11 15.52 36.17
CA PRO A 299 -18.89 14.28 36.27
C PRO A 299 -20.02 14.15 35.23
N GLU A 300 -20.38 15.26 34.59
CA GLU A 300 -21.48 15.24 33.61
C GLU A 300 -20.99 15.10 32.15
N GLY A 301 -19.67 15.13 31.96
CA GLY A 301 -19.05 15.03 30.63
C GLY A 301 -19.20 16.28 29.78
N LYS A 302 -19.11 17.46 30.40
CA LYS A 302 -19.34 18.73 29.71
C LYS A 302 -18.09 19.23 29.00
N VAL A 303 -16.93 18.74 29.43
CA VAL A 303 -15.66 19.06 28.80
C VAL A 303 -15.18 17.86 27.97
N ILE A 304 -15.28 16.67 28.55
CA ILE A 304 -14.96 15.40 27.86
C ILE A 304 -16.14 14.47 28.05
N ALA A 305 -16.80 14.12 26.94
CA ALA A 305 -18.07 13.38 26.94
C ALA A 305 -17.96 11.96 27.50
N LEU A 306 -19.02 11.52 28.19
CA LEU A 306 -19.12 10.16 28.73
C LEU A 306 -18.95 9.06 27.66
N ASP A 307 -19.28 9.41 26.41
CA ASP A 307 -19.17 8.46 25.30
C ASP A 307 -17.96 8.70 24.38
N SER A 308 -16.97 9.45 24.88
CA SER A 308 -15.78 9.76 24.11
C SER A 308 -14.81 8.59 24.20
N HIS A 309 -13.94 8.48 23.21
CA HIS A 309 -13.02 7.35 23.14
C HIS A 309 -12.04 7.30 24.34
N ILE A 310 -11.37 8.42 24.62
CA ILE A 310 -10.45 8.53 25.77
C ILE A 310 -11.16 8.16 27.11
N ARG A 311 -12.35 8.71 27.32
CA ARG A 311 -13.03 8.61 28.61
C ARG A 311 -13.67 7.23 28.90
N LEU A 312 -14.36 6.66 27.92
CA LEU A 312 -14.92 5.32 28.05
C LEU A 312 -13.85 4.22 28.22
N ALA A 313 -12.64 4.50 27.73
CA ALA A 313 -11.55 3.50 27.74
C ALA A 313 -10.91 3.32 29.12
N ASN A 314 -11.07 4.31 29.99
CA ASN A 314 -10.60 4.18 31.39
C ASN A 314 -11.43 4.96 32.42
N PRO A 315 -12.35 4.27 33.12
CA PRO A 315 -12.98 4.84 34.33
C PRO A 315 -11.96 4.94 35.48
N SER A 320 -9.37 -1.25 36.10
CA SER A 320 -9.07 0.03 35.46
C SER A 320 -7.58 0.35 35.60
N GLU A 321 -7.03 0.02 36.76
CA GLU A 321 -5.58 0.17 37.06
C GLU A 321 -4.77 -0.95 36.42
N SER A 322 -5.48 -1.99 35.97
CA SER A 322 -4.91 -3.23 35.49
C SER A 322 -5.16 -3.52 33.99
N SER A 323 -5.90 -2.65 33.30
CA SER A 323 -6.33 -2.97 31.94
C SER A 323 -5.41 -2.41 30.86
N LEU A 324 -4.16 -2.14 31.24
CA LEU A 324 -3.23 -1.55 30.32
C LEU A 324 -2.86 -2.54 29.18
N MET A 325 -2.50 -2.00 28.02
CA MET A 325 -1.97 -2.80 26.93
C MET A 325 -1.05 -1.92 26.13
N LEU A 326 -0.26 -2.51 25.23
CA LEU A 326 0.58 -1.74 24.33
C LEU A 326 0.03 -1.76 22.91
N ARG A 327 -0.44 -0.61 22.43
CA ARG A 327 -1.00 -0.52 21.06
C ARG A 327 0.10 -0.22 20.07
N ARG A 328 0.05 -0.88 18.92
CA ARG A 328 1.09 -0.69 17.93
C ARG A 328 0.40 -0.81 16.57
N GLY A 329 -0.51 0.13 16.32
CA GLY A 329 -1.36 0.13 15.12
C GLY A 329 -0.81 0.86 13.91
N TYR A 330 -1.28 0.49 12.70
CA TYR A 330 -0.82 1.10 11.45
C TYR A 330 -2.03 1.54 10.62
N SER A 331 -1.86 2.58 9.83
CA SER A 331 -2.92 2.98 8.88
C SER A 331 -2.94 2.04 7.69
N TYR A 332 -4.09 1.97 6.98
CA TYR A 332 -4.09 1.21 5.73
C TYR A 332 -4.95 1.94 4.72
N SER A 333 -4.63 1.76 3.44
CA SER A 333 -5.41 2.38 2.40
C SER A 333 -5.39 1.48 1.22
N LEU A 334 -6.57 1.07 0.78
CA LEU A 334 -6.65 0.04 -0.26
C LEU A 334 -7.30 0.57 -1.53
N GLY A 335 -8.48 0.04 -1.87
CA GLY A 335 -9.20 0.50 -3.05
C GLY A 335 -10.49 1.18 -2.65
N VAL A 336 -11.59 0.71 -3.23
CA VAL A 336 -12.90 1.25 -2.99
C VAL A 336 -13.78 0.09 -2.49
N THR A 337 -14.58 0.34 -1.46
CA THR A 337 -15.52 -0.67 -0.95
C THR A 337 -16.59 -1.05 -2.00
N ASN A 338 -17.28 -2.17 -1.77
CA ASN A 338 -18.40 -2.59 -2.63
C ASN A 338 -19.48 -1.50 -2.81
N SER A 339 -19.79 -0.77 -1.73
CA SER A 339 -20.75 0.31 -1.83
C SER A 339 -20.23 1.58 -2.56
N GLY A 340 -18.93 1.63 -2.86
CA GLY A 340 -18.33 2.74 -3.59
C GLY A 340 -17.58 3.79 -2.75
N GLN A 341 -17.29 3.49 -1.48
CA GLN A 341 -16.53 4.39 -0.60
C GLN A 341 -15.04 4.08 -0.55
N LEU A 342 -14.24 5.04 -0.13
CA LEU A 342 -12.80 4.74 0.09
C LEU A 342 -12.64 3.68 1.15
N ASP A 343 -11.86 2.65 0.84
CA ASP A 343 -11.51 1.61 1.78
C ASP A 343 -10.18 2.03 2.42
N MET A 344 -10.27 2.55 3.63
CA MET A 344 -9.09 2.87 4.41
C MET A 344 -9.42 2.79 5.89
N GLY A 345 -8.40 2.63 6.74
CA GLY A 345 -8.66 2.58 8.16
C GLY A 345 -7.44 2.27 8.99
N LEU A 346 -7.61 1.36 9.94
CA LEU A 346 -6.58 1.07 10.93
C LEU A 346 -6.37 -0.44 11.01
N LEU A 347 -5.12 -0.86 11.01
CA LEU A 347 -4.74 -2.22 11.40
C LEU A 347 -4.35 -2.10 12.84
N PHE A 348 -5.31 -2.33 13.75
CA PHE A 348 -5.12 -2.21 15.19
C PHE A 348 -4.42 -3.49 15.66
N VAL A 349 -3.28 -3.32 16.33
CA VAL A 349 -2.58 -4.46 16.94
C VAL A 349 -2.25 -4.00 18.38
N CYS A 350 -2.51 -4.87 19.35
CA CYS A 350 -2.08 -4.63 20.74
C CYS A 350 -1.53 -5.89 21.39
N TYR A 351 -0.68 -5.66 22.39
CA TYR A 351 -0.01 -6.72 23.13
C TYR A 351 -0.30 -6.53 24.61
N GLN A 352 -0.53 -7.66 25.30
CA GLN A 352 -0.92 -7.72 26.73
C GLN A 352 -0.53 -9.00 27.40
N HIS A 353 -0.18 -8.91 28.70
CA HIS A 353 0.17 -10.11 29.48
C HIS A 353 -1.03 -11.02 29.63
N ASP A 354 -2.22 -10.44 29.53
CA ASP A 354 -3.48 -11.18 29.69
C ASP A 354 -4.59 -10.59 28.79
N LEU A 355 -5.04 -11.39 27.81
CA LEU A 355 -6.06 -10.96 26.83
C LEU A 355 -7.37 -10.50 27.48
N GLU A 356 -7.82 -11.28 28.46
CA GLU A 356 -9.05 -10.93 29.18
C GLU A 356 -8.96 -9.59 29.96
N LYS A 357 -7.86 -9.36 30.66
CA LYS A 357 -7.67 -8.14 31.44
C LYS A 357 -7.36 -6.92 30.60
N GLY A 358 -6.81 -7.16 29.40
CA GLY A 358 -6.48 -6.05 28.48
C GLY A 358 -7.58 -5.82 27.47
N PHE A 359 -7.32 -6.20 26.20
CA PHE A 359 -8.22 -5.86 25.09
C PHE A 359 -9.71 -6.20 25.34
N LEU A 360 -9.97 -7.42 25.77
CA LEU A 360 -11.38 -7.86 26.00
C LEU A 360 -12.11 -6.94 27.01
N THR A 361 -11.38 -6.52 28.05
CA THR A 361 -11.93 -5.59 29.04
C THR A 361 -12.08 -4.18 28.49
N VAL A 362 -11.08 -3.70 27.74
CA VAL A 362 -11.12 -2.32 27.17
C VAL A 362 -12.20 -2.17 26.08
N GLN A 363 -12.28 -3.14 25.18
CA GLN A 363 -13.32 -3.11 24.15
C GLN A 363 -14.74 -3.21 24.74
N LYS A 364 -14.93 -4.09 25.72
CA LYS A 364 -16.22 -4.15 26.41
C LYS A 364 -16.61 -2.78 26.99
N ARG A 365 -15.65 -2.05 27.58
CA ARG A 365 -15.89 -0.68 28.08
C ARG A 365 -16.33 0.28 26.99
N LEU A 366 -15.78 0.09 25.79
CA LEU A 366 -15.98 0.97 24.68
C LEU A 366 -17.27 0.65 23.89
N ASN A 367 -17.89 -0.49 24.09
CA ASN A 367 -19.12 -0.79 23.37
C ASN A 367 -20.12 0.37 23.45
N GLY A 368 -20.62 0.82 22.31
CA GLY A 368 -21.56 1.91 22.25
C GLY A 368 -20.97 3.31 22.18
N GLU A 369 -19.65 3.43 22.16
CA GLU A 369 -19.00 4.75 22.08
C GLU A 369 -19.41 5.52 20.81
N ALA A 370 -19.31 6.86 20.87
CA ALA A 370 -19.69 7.72 19.73
C ALA A 370 -18.89 7.45 18.46
N LEU A 371 -17.62 7.05 18.62
CA LEU A 371 -16.82 6.69 17.45
C LEU A 371 -17.42 5.57 16.55
N GLU A 372 -18.32 4.74 17.11
CA GLU A 372 -18.89 3.60 16.37
C GLU A 372 -19.65 4.01 15.10
N GLU A 373 -20.13 5.25 15.08
CA GLU A 373 -20.78 5.78 13.87
C GLU A 373 -19.82 5.87 12.68
N TYR A 374 -18.52 5.94 12.96
CA TYR A 374 -17.55 6.25 11.92
C TYR A 374 -16.59 5.08 11.63
N VAL A 375 -16.69 4.00 12.42
CA VAL A 375 -15.72 2.86 12.24
C VAL A 375 -16.48 1.54 12.13
N LYS A 376 -15.87 0.55 11.49
CA LYS A 376 -16.52 -0.71 11.25
C LYS A 376 -15.45 -1.78 11.32
N PRO A 377 -15.35 -2.51 12.45
CA PRO A 377 -14.49 -3.69 12.51
C PRO A 377 -14.95 -4.80 11.58
N ILE A 378 -14.04 -5.28 10.73
CA ILE A 378 -14.41 -6.27 9.71
C ILE A 378 -13.54 -7.54 9.73
N GLY A 379 -12.52 -7.60 10.60
CA GLY A 379 -11.59 -8.75 10.58
C GLY A 379 -10.56 -8.67 11.70
N GLY A 380 -9.58 -9.58 11.65
CA GLY A 380 -8.54 -9.70 12.66
C GLY A 380 -8.69 -11.02 13.42
N GLY A 381 -8.36 -11.00 14.70
CA GLY A 381 -8.46 -12.17 15.56
C GLY A 381 -7.55 -12.07 16.76
N TYR A 382 -7.50 -13.15 17.54
CA TYR A 382 -6.68 -13.21 18.77
C TYR A 382 -5.64 -14.29 18.61
N PHE A 383 -4.42 -14.00 19.10
CA PHE A 383 -3.31 -14.91 18.87
C PHE A 383 -2.38 -14.83 20.09
N PHE A 384 -1.51 -15.83 20.24
CA PHE A 384 -0.49 -15.76 21.28
C PHE A 384 0.88 -15.66 20.63
N ALA A 385 1.53 -14.50 20.82
CA ALA A 385 2.89 -14.26 20.34
C ALA A 385 3.87 -15.06 21.21
N LEU A 386 4.60 -15.96 20.55
CA LEU A 386 5.51 -16.89 21.18
C LEU A 386 6.61 -16.16 21.95
N PRO A 387 7.20 -16.81 22.98
CA PRO A 387 8.43 -16.25 23.56
C PRO A 387 9.52 -16.15 22.48
N GLY A 388 10.58 -15.41 22.76
CA GLY A 388 11.72 -15.30 21.84
C GLY A 388 12.44 -16.64 21.61
N VAL A 389 13.11 -16.75 20.47
CA VAL A 389 14.08 -17.83 20.19
C VAL A 389 15.39 -17.46 20.88
N LYS A 390 15.88 -18.26 21.83
CA LYS A 390 16.98 -17.74 22.69
C LYS A 390 18.26 -17.46 21.90
N ASP A 391 18.57 -18.31 20.95
CA ASP A 391 19.77 -18.23 20.16
C ASP A 391 19.64 -19.24 19.02
N ALA A 392 20.69 -19.35 18.20
CA ALA A 392 20.66 -20.16 16.98
C ALA A 392 20.49 -21.65 17.18
N ASN A 393 20.62 -22.13 18.42
CA ASN A 393 20.35 -23.54 18.72
C ASN A 393 18.92 -23.73 19.21
N ASP A 394 18.16 -22.64 19.34
CA ASP A 394 16.76 -22.74 19.71
C ASP A 394 15.91 -22.58 18.44
N TYR A 395 14.63 -22.87 18.57
CA TYR A 395 13.66 -22.66 17.49
C TYR A 395 12.28 -22.28 18.06
N PHE A 396 11.41 -21.72 17.20
CA PHE A 396 10.10 -21.30 17.67
C PHE A 396 9.32 -22.41 18.34
N GLY A 397 8.71 -22.08 19.46
CA GLY A 397 7.86 -23.00 20.21
C GLY A 397 8.53 -24.30 20.64
N SER A 398 9.86 -24.31 20.74
CA SER A 398 10.57 -25.51 21.24
C SER A 398 9.99 -26.00 22.58
N ALA A 399 9.68 -25.09 23.49
CA ALA A 399 9.17 -25.48 24.81
C ALA A 399 7.73 -26.02 24.70
N LEU A 400 6.88 -25.34 23.91
CA LEU A 400 5.53 -25.82 23.61
C LEU A 400 5.50 -27.25 23.07
N LEU A 401 6.44 -27.56 22.17
CA LEU A 401 6.41 -28.79 21.42
C LEU A 401 7.11 -29.95 22.12
N ARG A 402 7.88 -29.64 23.17
CA ARG A 402 8.64 -30.64 23.93
C ARG A 402 7.83 -31.34 25.03
N VAL A 403 7.03 -30.56 25.76
CA VAL A 403 6.35 -31.00 27.00
C VAL A 403 5.31 -32.14 26.82
N ASP B 28 14.12 18.51 4.42
CA ASP B 28 14.00 17.10 3.96
C ASP B 28 13.66 17.00 2.45
N ALA B 29 13.43 15.76 1.97
CA ALA B 29 12.95 15.47 0.60
C ALA B 29 11.54 16.03 0.40
N ARG B 30 10.81 16.09 1.52
CA ARG B 30 9.47 16.67 1.61
C ARG B 30 9.37 18.09 1.06
N ASN B 31 10.50 18.79 0.98
CA ASN B 31 10.48 20.17 0.53
C ASN B 31 10.72 20.39 -0.95
N GLU B 32 11.05 19.33 -1.68
CA GLU B 32 11.19 19.47 -3.12
C GLU B 32 9.83 19.64 -3.79
N LYS B 33 9.77 20.48 -4.81
CA LYS B 33 8.54 20.77 -5.53
C LYS B 33 8.70 20.47 -7.00
N GLN B 34 7.61 20.09 -7.65
CA GLN B 34 7.62 19.94 -9.08
C GLN B 34 6.65 20.95 -9.63
N PRO B 35 7.03 21.63 -10.74
CA PRO B 35 6.17 22.68 -11.27
C PRO B 35 4.82 22.18 -11.72
N PHE B 36 3.77 22.83 -11.22
CA PHE B 36 2.42 22.59 -11.69
C PHE B 36 2.23 23.16 -13.10
N TYR B 37 2.50 24.46 -13.25
CA TYR B 37 2.25 25.19 -14.47
C TYR B 37 3.23 24.85 -15.55
N GLY B 38 2.77 24.82 -16.79
CA GLY B 38 3.65 24.59 -17.93
C GLY B 38 2.90 24.36 -19.23
N GLU B 39 3.66 24.21 -20.32
CA GLU B 39 3.14 23.86 -21.63
C GLU B 39 2.54 22.45 -21.51
N HIS B 40 3.21 21.61 -20.73
CA HIS B 40 2.73 20.24 -20.45
C HIS B 40 2.40 20.06 -18.96
N GLN B 41 1.52 19.12 -18.63
CA GLN B 41 1.33 18.70 -17.22
C GLN B 41 2.57 17.99 -16.72
N ALA B 42 2.85 18.13 -15.43
CA ALA B 42 3.85 17.31 -14.79
C ALA B 42 3.31 15.84 -14.54
N GLY B 43 4.17 14.94 -14.09
CA GLY B 43 3.80 13.53 -13.89
C GLY B 43 3.87 12.64 -15.14
N ILE B 44 4.38 13.21 -16.24
CA ILE B 44 4.53 12.46 -17.48
C ILE B 44 6.01 12.26 -17.82
N LEU B 45 6.75 13.35 -18.00
CA LEU B 45 8.19 13.26 -18.23
C LEU B 45 8.91 13.27 -16.89
N THR B 46 8.22 13.72 -15.84
CA THR B 46 8.79 13.76 -14.50
C THR B 46 9.38 12.40 -14.11
N PRO B 47 10.60 12.38 -13.52
CA PRO B 47 11.11 11.13 -12.91
C PRO B 47 10.14 10.57 -11.88
N GLN B 48 10.12 9.23 -11.78
CA GLN B 48 9.12 8.58 -10.91
C GLN B 48 9.42 8.78 -9.44
N GLN B 49 8.42 9.30 -8.71
CA GLN B 49 8.44 9.38 -7.26
C GLN B 49 8.12 8.00 -6.66
N ALA B 50 8.41 7.82 -5.37
CA ALA B 50 8.29 6.50 -4.77
C ALA B 50 6.83 6.00 -4.59
N ALA B 51 5.88 6.93 -4.41
CA ALA B 51 4.50 6.54 -4.11
C ALA B 51 3.55 7.07 -5.16
N MET B 52 2.49 6.31 -5.41
CA MET B 52 1.57 6.64 -6.47
C MET B 52 0.16 6.12 -6.18
N MET B 53 -0.80 6.84 -6.75
CA MET B 53 -2.17 6.42 -6.75
C MET B 53 -2.78 6.74 -8.11
N LEU B 54 -3.53 5.79 -8.63
CA LEU B 54 -4.41 6.04 -9.78
C LEU B 54 -5.81 6.04 -9.26
N VAL B 55 -6.53 7.11 -9.56
CA VAL B 55 -7.91 7.23 -9.09
C VAL B 55 -8.86 7.73 -10.17
N ALA B 56 -9.80 6.87 -10.57
CA ALA B 56 -10.76 7.19 -11.63
C ALA B 56 -12.05 7.59 -10.99
N PHE B 57 -12.74 8.55 -11.63
CA PHE B 57 -13.94 9.16 -11.08
C PHE B 57 -15.05 9.21 -12.13
N ASP B 58 -16.28 9.06 -11.69
CA ASP B 58 -17.43 9.47 -12.52
C ASP B 58 -17.69 10.96 -12.31
N VAL B 59 -17.95 11.66 -13.40
CA VAL B 59 -18.21 13.11 -13.31
C VAL B 59 -19.71 13.30 -13.04
N LEU B 60 -20.04 14.09 -12.02
CA LEU B 60 -21.43 14.32 -11.67
C LEU B 60 -22.00 15.64 -12.23
N ALA B 61 -21.17 16.41 -12.94
CA ALA B 61 -21.56 17.67 -13.57
C ALA B 61 -22.81 17.54 -14.48
N SER B 62 -23.78 18.42 -14.24
CA SER B 62 -25.03 18.40 -15.03
C SER B 62 -24.90 18.83 -16.48
N ASP B 63 -23.99 19.75 -16.77
CA ASP B 63 -23.83 20.23 -18.13
C ASP B 63 -22.46 20.86 -18.29
N LYS B 64 -22.26 21.52 -19.43
CA LYS B 64 -20.96 22.08 -19.76
C LYS B 64 -20.44 23.15 -18.79
N ALA B 65 -21.32 23.99 -18.24
CA ALA B 65 -20.93 24.98 -17.21
C ALA B 65 -20.43 24.31 -15.92
N ASP B 66 -21.13 23.26 -15.49
CA ASP B 66 -20.70 22.44 -14.36
C ASP B 66 -19.33 21.81 -14.59
N LEU B 67 -19.09 21.29 -15.80
CA LEU B 67 -17.79 20.73 -16.15
C LEU B 67 -16.68 21.79 -16.06
N GLU B 68 -16.93 23.00 -16.59
CA GLU B 68 -15.94 24.10 -16.48
C GLU B 68 -15.66 24.46 -15.03
N ARG B 69 -16.71 24.51 -14.23
CA ARG B 69 -16.58 24.75 -12.79
C ARG B 69 -15.64 23.69 -12.14
N LEU B 70 -15.90 22.43 -12.44
CA LEU B 70 -15.05 21.35 -11.94
C LEU B 70 -13.61 21.55 -12.35
N PHE B 71 -13.37 21.77 -13.63
CA PHE B 71 -12.01 21.93 -14.17
C PHE B 71 -11.27 23.15 -13.61
N ARG B 72 -12.03 24.20 -13.29
CA ARG B 72 -11.42 25.38 -12.67
C ARG B 72 -11.03 25.09 -11.23
N LEU B 73 -11.89 24.38 -10.52
CA LEU B 73 -11.64 24.02 -9.13
C LEU B 73 -10.45 23.05 -9.00
N LEU B 74 -10.34 22.08 -9.92
CA LEU B 74 -9.19 21.16 -9.90
C LEU B 74 -7.86 21.87 -10.17
N THR B 75 -7.81 22.80 -11.13
CA THR B 75 -6.60 23.64 -11.28
C THR B 75 -6.16 24.26 -9.95
N GLN B 76 -7.12 24.87 -9.26
CA GLN B 76 -6.87 25.60 -8.01
C GLN B 76 -6.34 24.67 -6.91
N ARG B 77 -7.02 23.53 -6.71
CA ARG B 77 -6.56 22.53 -5.73
C ARG B 77 -5.16 22.03 -6.05
N PHE B 78 -4.92 21.65 -7.31
CA PHE B 78 -3.63 21.03 -7.67
C PHE B 78 -2.51 22.05 -7.58
N ALA B 79 -2.80 23.30 -7.97
CA ALA B 79 -1.77 24.36 -7.90
C ALA B 79 -1.29 24.53 -6.49
N PHE B 80 -2.22 24.55 -5.53
CA PHE B 80 -1.89 24.67 -4.09
C PHE B 80 -1.17 23.42 -3.52
N LEU B 81 -1.81 22.25 -3.62
CA LEU B 81 -1.26 20.98 -3.07
C LEU B 81 0.16 20.71 -3.51
N THR B 82 0.41 20.87 -4.81
CA THR B 82 1.70 20.55 -5.42
C THR B 82 2.83 21.50 -5.00
N GLN B 83 2.47 22.75 -4.71
CA GLN B 83 3.45 23.73 -4.24
C GLN B 83 3.55 23.76 -2.72
N GLY B 84 2.48 23.39 -2.02
CA GLY B 84 2.56 23.28 -0.55
C GLY B 84 2.28 24.56 0.20
N GLY B 85 2.16 24.47 1.52
CA GLY B 85 1.75 25.61 2.35
C GLY B 85 1.18 25.13 3.65
N ALA B 86 0.79 26.08 4.50
CA ALA B 86 0.18 25.76 5.79
C ALA B 86 -1.22 25.18 5.53
N ALA B 87 -1.68 24.27 6.40
CA ALA B 87 -3.00 23.68 6.20
C ALA B 87 -4.08 24.76 6.39
N PRO B 88 -5.08 24.79 5.49
CA PRO B 88 -6.26 25.63 5.74
C PRO B 88 -6.84 25.36 7.12
N GLU B 89 -7.03 26.44 7.87
CA GLU B 89 -7.38 26.38 9.27
C GLU B 89 -8.88 26.43 9.46
N THR B 90 -9.35 26.07 10.64
CA THR B 90 -10.78 25.92 10.90
C THR B 90 -11.18 26.79 12.11
N PRO B 91 -11.25 28.12 11.91
CA PRO B 91 -11.60 29.02 13.03
C PRO B 91 -12.98 28.76 13.64
N ASN B 92 -13.98 28.35 12.85
CA ASN B 92 -15.28 27.94 13.40
C ASN B 92 -15.44 26.41 13.39
N PRO B 93 -15.31 25.76 14.56
CA PRO B 93 -15.36 24.30 14.69
C PRO B 93 -16.76 23.71 14.42
N ARG B 94 -17.76 24.58 14.23
CA ARG B 94 -19.09 24.09 13.85
C ARG B 94 -19.11 23.60 12.41
N LEU B 95 -18.07 23.95 11.66
CA LEU B 95 -17.92 23.50 10.27
C LEU B 95 -16.96 22.29 10.22
N PRO B 96 -17.08 21.46 9.16
CA PRO B 96 -16.09 20.36 9.04
C PRO B 96 -14.68 20.95 8.82
N PRO B 97 -13.62 20.24 9.25
CA PRO B 97 -12.29 20.83 9.08
C PRO B 97 -11.97 21.08 7.62
N LEU B 98 -11.37 22.24 7.32
CA LEU B 98 -11.01 22.59 5.95
C LEU B 98 -9.90 21.69 5.39
N ASP B 99 -9.15 21.02 6.28
CA ASP B 99 -8.15 20.07 5.89
C ASP B 99 -8.32 18.77 6.73
N SER B 100 -7.98 17.61 6.14
CA SER B 100 -8.16 16.33 6.86
C SER B 100 -7.30 16.24 8.09
N GLY B 101 -6.18 16.98 8.10
CA GLY B 101 -5.26 16.98 9.22
C GLY B 101 -4.28 15.81 9.24
N ILE B 102 -4.31 14.95 8.20
CA ILE B 102 -3.54 13.71 8.25
C ILE B 102 -2.03 13.96 8.12
N LEU B 103 -1.66 15.11 7.54
CA LEU B 103 -0.28 15.55 7.46
C LEU B 103 0.19 16.46 8.61
N GLY B 104 -0.69 16.80 9.54
CA GLY B 104 -0.38 17.78 10.59
C GLY B 104 -0.63 19.19 10.06
N GLY B 105 0.02 20.18 10.68
CA GLY B 105 -0.25 21.62 10.39
C GLY B 105 0.32 22.21 9.10
N TYR B 106 1.34 21.56 8.53
CA TYR B 106 1.91 22.00 7.26
C TYR B 106 1.76 20.95 6.16
N ILE B 107 1.42 21.41 4.94
CA ILE B 107 1.27 20.54 3.76
C ILE B 107 2.51 20.66 2.87
N ALA B 108 3.48 19.78 3.10
CA ALA B 108 4.72 19.81 2.33
C ALA B 108 4.43 19.37 0.91
N PRO B 109 5.17 19.92 -0.06
CA PRO B 109 4.98 19.62 -1.46
C PRO B 109 5.43 18.15 -1.80
N ASP B 110 6.53 17.71 -1.19
CA ASP B 110 6.95 16.31 -1.25
C ASP B 110 6.95 15.75 -2.69
N ASN B 111 7.48 16.53 -3.63
CA ASN B 111 7.46 16.20 -5.07
C ASN B 111 6.11 15.82 -5.70
N LEU B 112 5.01 16.26 -5.12
CA LEU B 112 3.70 15.85 -5.60
C LEU B 112 3.47 16.29 -7.02
N THR B 113 3.03 15.35 -7.87
CA THR B 113 2.45 15.69 -9.17
C THR B 113 1.05 15.08 -9.32
N ILE B 114 0.15 15.84 -9.92
CA ILE B 114 -1.20 15.35 -10.19
C ILE B 114 -1.51 15.52 -11.68
N THR B 115 -1.67 14.41 -12.37
CA THR B 115 -1.91 14.43 -13.80
C THR B 115 -3.36 14.08 -14.09
N LEU B 116 -4.07 14.97 -14.79
CA LEU B 116 -5.48 14.80 -15.12
C LEU B 116 -5.69 14.33 -16.54
N SER B 117 -6.60 13.35 -16.72
CA SER B 117 -6.88 12.81 -18.05
C SER B 117 -8.36 12.48 -18.17
N VAL B 118 -8.86 12.49 -19.40
CA VAL B 118 -10.26 12.28 -19.62
C VAL B 118 -10.55 11.04 -20.48
N GLY B 119 -11.64 10.34 -20.15
CA GLY B 119 -12.02 9.11 -20.87
C GLY B 119 -12.91 9.36 -22.08
N HIS B 120 -13.08 8.32 -22.90
CA HIS B 120 -14.00 8.36 -24.04
C HIS B 120 -15.39 8.86 -23.59
N SER B 121 -15.88 8.33 -22.47
CA SER B 121 -17.23 8.63 -21.96
C SER B 121 -17.55 10.11 -21.74
N LEU B 122 -16.52 10.94 -21.55
CA LEU B 122 -16.71 12.37 -21.33
C LEU B 122 -17.23 13.04 -22.61
N PHE B 123 -16.93 12.42 -23.76
CA PHE B 123 -17.33 12.98 -25.04
C PHE B 123 -18.67 12.41 -25.55
N ASP B 124 -19.52 11.99 -24.63
CA ASP B 124 -20.89 11.64 -24.94
C ASP B 124 -21.81 12.88 -25.01
N GLU B 125 -23.12 12.67 -24.91
CA GLU B 125 -24.10 13.75 -25.05
C GLU B 125 -24.05 14.83 -23.98
N ARG B 126 -23.58 14.47 -22.78
CA ARG B 126 -23.70 15.34 -21.60
C ARG B 126 -23.15 16.76 -21.75
N PHE B 127 -22.00 16.92 -22.39
CA PHE B 127 -21.31 18.21 -22.35
C PHE B 127 -21.13 18.85 -23.71
N GLY B 128 -21.75 18.24 -24.74
CA GLY B 128 -21.68 18.72 -26.11
C GLY B 128 -20.25 18.73 -26.65
N LEU B 129 -19.40 17.83 -26.16
CA LEU B 129 -18.00 17.79 -26.61
C LEU B 129 -17.72 16.67 -27.61
N ALA B 130 -18.74 15.92 -28.00
CA ALA B 130 -18.59 14.83 -28.98
C ALA B 130 -17.75 15.15 -30.23
N PRO B 131 -17.95 16.34 -30.85
CA PRO B 131 -17.14 16.59 -32.03
C PRO B 131 -15.68 16.98 -31.74
N GLN B 132 -15.35 17.19 -30.46
CA GLN B 132 -13.96 17.51 -30.07
C GLN B 132 -13.12 16.28 -29.65
N MET B 133 -13.76 15.11 -29.61
CA MET B 133 -13.13 13.88 -29.14
C MET B 133 -11.83 13.56 -29.89
N PRO B 134 -10.72 13.34 -29.15
CA PRO B 134 -9.50 13.05 -29.89
C PRO B 134 -9.68 11.87 -30.86
N LYS B 135 -8.96 11.92 -31.98
CA LYS B 135 -9.13 10.97 -33.10
C LYS B 135 -9.07 9.51 -32.70
N LYS B 136 -8.14 9.17 -31.80
CA LYS B 136 -7.86 7.78 -31.47
C LYS B 136 -8.48 7.28 -30.17
N LEU B 137 -9.11 8.20 -29.41
CA LEU B 137 -9.69 7.88 -28.12
C LEU B 137 -10.87 6.92 -28.25
N GLN B 138 -10.85 5.85 -27.45
CA GLN B 138 -11.90 4.84 -27.48
C GLN B 138 -12.00 4.20 -26.11
N LYS B 139 -13.11 3.54 -25.84
CA LYS B 139 -13.24 2.73 -24.68
C LYS B 139 -12.29 1.53 -24.80
N MET B 140 -11.59 1.19 -23.73
CA MET B 140 -10.75 0.01 -23.76
C MET B 140 -11.61 -1.25 -23.90
N THR B 141 -11.32 -2.07 -24.91
CA THR B 141 -11.99 -3.37 -25.05
C THR B 141 -10.95 -4.46 -24.79
N ARG B 142 -11.41 -5.66 -24.43
CA ARG B 142 -10.52 -6.70 -23.97
C ARG B 142 -9.54 -7.22 -25.04
N PHE B 143 -8.35 -7.60 -24.60
CA PHE B 143 -7.41 -8.35 -25.41
C PHE B 143 -7.56 -9.82 -25.04
N PRO B 144 -7.03 -10.73 -25.88
CA PRO B 144 -7.27 -12.16 -25.63
C PRO B 144 -6.96 -12.69 -24.24
N ASN B 145 -5.89 -12.23 -23.59
CA ASN B 145 -5.59 -12.78 -22.25
C ASN B 145 -6.20 -11.97 -21.07
N ASP B 146 -7.06 -11.00 -21.37
CA ASP B 146 -7.68 -10.13 -20.35
C ASP B 146 -8.78 -10.85 -19.57
N SER B 147 -8.90 -10.51 -18.29
CA SER B 147 -10.08 -10.85 -17.48
C SER B 147 -10.53 -9.55 -16.83
N LEU B 148 -11.04 -8.63 -17.64
CA LEU B 148 -11.41 -7.30 -17.22
C LEU B 148 -12.57 -7.32 -16.22
N ASP B 149 -12.36 -6.65 -15.08
CA ASP B 149 -13.38 -6.48 -14.05
C ASP B 149 -14.01 -5.11 -14.22
N ALA B 150 -15.30 -5.05 -14.57
CA ALA B 150 -15.95 -3.77 -14.90
C ALA B 150 -15.80 -2.70 -13.81
N ALA B 151 -15.75 -3.09 -12.56
CA ALA B 151 -15.58 -2.14 -11.44
C ALA B 151 -14.19 -1.47 -11.45
N LEU B 152 -13.24 -2.07 -12.19
CA LEU B 152 -11.88 -1.53 -12.29
C LEU B 152 -11.52 -0.94 -13.66
N CYS B 153 -12.52 -0.67 -14.52
CA CYS B 153 -12.27 -0.10 -15.83
C CYS B 153 -12.90 1.27 -16.05
N HIS B 154 -12.26 2.01 -16.94
CA HIS B 154 -12.73 3.27 -17.50
C HIS B 154 -12.90 4.38 -16.45
N GLY B 155 -13.77 5.35 -16.76
CA GLY B 155 -14.03 6.50 -15.88
C GLY B 155 -14.06 7.74 -16.74
N ASP B 156 -14.84 8.74 -16.34
CA ASP B 156 -14.89 10.04 -17.06
C ASP B 156 -13.58 10.76 -16.94
N VAL B 157 -12.95 10.69 -15.76
CA VAL B 157 -11.64 11.30 -15.55
C VAL B 157 -10.75 10.37 -14.74
N LEU B 158 -9.44 10.48 -14.95
CA LEU B 158 -8.46 9.78 -14.14
C LEU B 158 -7.47 10.80 -13.62
N LEU B 159 -7.14 10.66 -12.34
CA LEU B 159 -5.98 11.32 -11.77
C LEU B 159 -4.90 10.28 -11.48
N GLN B 160 -3.67 10.65 -11.85
CA GLN B 160 -2.47 9.95 -11.44
C GLN B 160 -1.81 10.89 -10.46
N ILE B 161 -1.77 10.46 -9.18
CA ILE B 161 -1.26 11.27 -8.07
C ILE B 161 0.02 10.62 -7.55
N CYS B 162 1.18 11.27 -7.78
CA CYS B 162 2.46 10.75 -7.36
C CYS B 162 3.16 11.71 -6.41
N ALA B 163 3.82 11.15 -5.39
CA ALA B 163 4.63 11.93 -4.43
C ALA B 163 5.70 11.04 -3.86
N ASN B 164 6.66 11.63 -3.15
CA ASN B 164 7.64 10.85 -2.37
C ASN B 164 7.00 9.87 -1.40
N THR B 165 5.88 10.25 -0.80
CA THR B 165 5.32 9.40 0.23
C THR B 165 3.85 9.15 -0.03
N GLN B 166 3.36 8.04 0.52
CA GLN B 166 1.96 7.66 0.44
C GLN B 166 1.00 8.67 1.17
N ASP B 167 1.47 9.20 2.30
CA ASP B 167 0.76 10.19 3.13
C ASP B 167 0.29 11.37 2.26
N THR B 168 1.23 11.94 1.50
CA THR B 168 0.98 13.11 0.69
C THR B 168 -0.08 12.83 -0.37
N VAL B 169 0.04 11.66 -1.01
CA VAL B 169 -0.89 11.23 -2.05
C VAL B 169 -2.32 11.07 -1.49
N ILE B 170 -2.44 10.47 -0.32
CA ILE B 170 -3.75 10.24 0.27
C ILE B 170 -4.32 11.58 0.75
N HIS B 171 -3.46 12.42 1.30
CA HIS B 171 -3.88 13.79 1.67
C HIS B 171 -4.43 14.55 0.44
N ALA B 172 -3.71 14.49 -0.69
CA ALA B 172 -4.17 15.10 -1.93
C ALA B 172 -5.56 14.61 -2.35
N LEU B 173 -5.72 13.28 -2.44
CA LEU B 173 -7.01 12.68 -2.74
C LEU B 173 -8.13 13.24 -1.81
N ARG B 174 -7.89 13.26 -0.51
CA ARG B 174 -8.98 13.69 0.38
C ARG B 174 -9.37 15.17 0.24
N ASP B 175 -8.38 15.99 -0.09
CA ASP B 175 -8.66 17.41 -0.37
C ASP B 175 -9.55 17.55 -1.64
N ILE B 176 -9.18 16.84 -2.71
CA ILE B 176 -9.94 16.87 -3.96
C ILE B 176 -11.36 16.44 -3.69
N ILE B 177 -11.51 15.30 -3.00
CA ILE B 177 -12.84 14.76 -2.70
C ILE B 177 -13.66 15.70 -1.80
N LYS B 178 -13.01 16.33 -0.82
CA LYS B 178 -13.71 17.29 0.06
C LYS B 178 -14.29 18.43 -0.75
N HIS B 179 -13.61 18.81 -1.83
CA HIS B 179 -14.03 19.96 -2.64
C HIS B 179 -14.95 19.65 -3.82
N THR B 180 -15.34 18.39 -4.02
CA THR B 180 -16.10 18.05 -5.23
C THR B 180 -17.29 17.10 -4.98
N PRO B 181 -17.95 17.18 -3.80
CA PRO B 181 -18.96 16.15 -3.49
C PRO B 181 -20.12 16.10 -4.49
N ASP B 182 -20.40 17.22 -5.14
CA ASP B 182 -21.44 17.36 -6.15
C ASP B 182 -20.90 17.22 -7.57
N LEU B 183 -19.59 17.04 -7.72
CA LEU B 183 -19.00 17.01 -9.05
C LEU B 183 -18.26 15.71 -9.41
N LEU B 184 -17.75 15.01 -8.39
CA LEU B 184 -17.00 13.76 -8.63
C LEU B 184 -17.45 12.66 -7.70
N SER B 185 -17.48 11.46 -8.25
CA SER B 185 -17.66 10.30 -7.43
C SER B 185 -16.58 9.28 -7.80
N VAL B 186 -15.84 8.81 -6.79
CA VAL B 186 -14.78 7.83 -7.03
C VAL B 186 -15.35 6.56 -7.67
N ARG B 187 -14.70 6.11 -8.74
CA ARG B 187 -15.12 4.90 -9.44
C ARG B 187 -14.22 3.73 -9.07
N TRP B 188 -12.90 3.86 -9.28
CA TRP B 188 -11.96 2.85 -8.84
C TRP B 188 -10.64 3.50 -8.41
N LYS B 189 -9.84 2.78 -7.64
CA LYS B 189 -8.58 3.34 -7.11
C LYS B 189 -7.63 2.22 -6.78
N ARG B 190 -6.35 2.43 -7.08
CA ARG B 190 -5.28 1.52 -6.73
C ARG B 190 -4.02 2.32 -6.41
N GLU B 191 -3.33 1.92 -5.36
CA GLU B 191 -2.10 2.58 -4.91
C GLU B 191 -0.91 1.68 -5.23
N GLY B 192 0.23 2.30 -5.60
CA GLY B 192 1.41 1.54 -5.95
C GLY B 192 2.69 2.24 -5.53
N PHE B 193 3.84 1.66 -5.91
CA PHE B 193 5.13 2.13 -5.43
C PHE B 193 6.24 1.73 -6.39
N ILE B 194 7.40 2.37 -6.27
CA ILE B 194 8.66 1.78 -6.78
C ILE B 194 9.61 1.71 -5.58
N SER B 195 10.76 1.06 -5.70
CA SER B 195 11.78 1.14 -4.61
C SER B 195 12.30 2.56 -4.33
N ASP B 196 12.74 2.77 -3.08
CA ASP B 196 13.49 3.97 -2.71
C ASP B 196 14.75 4.09 -3.54
N HIS B 197 15.45 2.96 -3.67
CA HIS B 197 16.72 2.85 -4.41
C HIS B 197 16.57 3.63 -5.72
N ALA B 198 15.64 3.17 -6.55
CA ALA B 198 15.40 3.71 -7.87
C ALA B 198 14.77 5.09 -7.82
N ALA B 199 13.93 5.32 -6.82
CA ALA B 199 13.28 6.63 -6.67
C ALA B 199 14.31 7.76 -6.50
N ARG B 200 15.28 7.54 -5.63
CA ARG B 200 16.35 8.53 -5.38
C ARG B 200 17.24 8.93 -6.57
N SER B 201 17.38 8.05 -7.56
CA SER B 201 18.26 8.27 -8.70
C SER B 201 17.71 9.22 -9.77
N LYS B 202 16.52 9.78 -9.51
CA LYS B 202 15.82 10.67 -10.46
C LYS B 202 15.86 10.11 -11.90
N GLY B 203 15.43 8.85 -12.08
CA GLY B 203 15.34 8.24 -13.42
C GLY B 203 16.59 7.55 -13.94
N LYS B 204 17.68 7.57 -13.17
CA LYS B 204 18.96 7.02 -13.64
C LYS B 204 19.17 5.52 -13.39
N GLU B 205 18.41 4.96 -12.45
CA GLU B 205 18.36 3.50 -12.20
C GLU B 205 16.94 2.96 -12.40
N THR B 206 16.84 1.87 -13.16
CA THR B 206 15.56 1.24 -13.53
C THR B 206 14.92 0.55 -12.34
N PRO B 207 13.63 0.85 -12.05
CA PRO B 207 12.88 0.11 -11.01
C PRO B 207 12.75 -1.42 -11.30
N ILE B 208 12.85 -2.24 -10.26
CA ILE B 208 12.65 -3.69 -10.38
C ILE B 208 11.15 -4.00 -10.10
N ASN B 209 10.50 -4.80 -10.97
CA ASN B 209 9.07 -5.19 -10.75
C ASN B 209 8.93 -6.39 -9.83
N LEU B 210 7.70 -6.87 -9.58
CA LEU B 210 7.52 -7.88 -8.59
C LEU B 210 7.81 -9.29 -9.13
N LEU B 211 8.20 -9.37 -10.40
CA LEU B 211 8.74 -10.60 -10.96
C LEU B 211 10.26 -10.63 -10.87
N GLY B 212 10.83 -9.54 -10.34
CA GLY B 212 12.24 -9.45 -10.08
C GLY B 212 13.06 -9.07 -11.29
N PHE B 213 12.42 -8.54 -12.33
CA PHE B 213 13.08 -8.04 -13.53
C PHE B 213 13.00 -6.51 -13.56
N LYS B 214 14.00 -5.91 -14.19
CA LYS B 214 14.08 -4.45 -14.32
C LYS B 214 12.94 -4.04 -15.25
N ASP B 215 12.37 -2.88 -15.01
CA ASP B 215 11.10 -2.46 -15.61
C ASP B 215 11.24 -1.14 -16.41
N GLY B 216 11.15 -1.21 -17.73
CA GLY B 216 11.23 0.01 -18.57
C GLY B 216 12.65 0.36 -19.00
N THR B 217 13.48 -0.67 -19.07
CA THR B 217 14.87 -0.57 -19.55
C THR B 217 15.00 0.08 -20.93
N ALA B 218 14.10 -0.30 -21.84
CA ALA B 218 14.13 0.18 -23.22
C ALA B 218 13.33 1.47 -23.43
N ASN B 219 12.91 2.13 -22.35
CA ASN B 219 12.26 3.46 -22.45
C ASN B 219 13.08 4.50 -23.22
N PRO B 220 12.41 5.35 -24.01
CA PRO B 220 13.12 6.47 -24.64
C PRO B 220 13.56 7.50 -23.61
N ASP B 221 14.56 8.31 -23.98
CA ASP B 221 15.07 9.36 -23.13
C ASP B 221 14.04 10.48 -23.06
N SER B 222 13.44 10.62 -21.87
CA SER B 222 12.44 11.64 -21.59
C SER B 222 13.01 13.06 -21.52
N GLN B 223 14.34 13.20 -21.50
CA GLN B 223 14.98 14.52 -21.51
C GLN B 223 15.19 15.09 -22.92
N ASN B 224 15.10 14.24 -23.94
CA ASN B 224 15.20 14.66 -25.33
C ASN B 224 13.90 15.31 -25.83
N ASP B 225 13.84 16.64 -25.72
CA ASP B 225 12.64 17.42 -26.04
C ASP B 225 12.05 17.12 -27.42
N LYS B 226 12.93 16.91 -28.40
CA LYS B 226 12.52 16.70 -29.79
C LYS B 226 12.01 15.27 -30.02
N LEU B 227 12.66 14.29 -29.39
CA LEU B 227 12.18 12.91 -29.38
C LEU B 227 10.83 12.80 -28.65
N MET B 228 10.70 13.50 -27.52
CA MET B 228 9.43 13.56 -26.78
C MET B 228 8.34 14.20 -27.58
N GLN B 229 8.72 15.12 -28.48
CA GLN B 229 7.76 15.74 -29.39
C GLN B 229 7.26 14.70 -30.39
N LYS B 230 8.18 13.85 -30.86
CA LYS B 230 7.84 12.74 -31.74
C LYS B 230 7.05 11.66 -30.98
N VAL B 231 7.57 11.20 -29.84
CA VAL B 231 7.01 10.04 -29.11
C VAL B 231 5.75 10.38 -28.30
N VAL B 232 5.91 11.27 -27.33
CA VAL B 232 4.91 11.51 -26.29
C VAL B 232 3.86 12.59 -26.63
N TRP B 233 4.33 13.76 -27.07
CA TRP B 233 3.42 14.90 -27.21
C TRP B 233 2.57 14.91 -28.49
N VAL B 234 1.31 15.31 -28.34
CA VAL B 234 0.47 15.64 -29.50
C VAL B 234 0.93 16.99 -30.12
N THR B 235 1.13 17.01 -31.43
CA THR B 235 1.60 18.22 -32.12
C THR B 235 0.65 18.64 -33.25
N ALA B 236 0.83 19.87 -33.75
CA ALA B 236 -0.05 20.42 -34.80
C ALA B 236 -0.17 19.58 -36.07
N ASP B 237 0.87 18.79 -36.39
CA ASP B 237 0.90 18.01 -37.63
C ASP B 237 -0.11 16.87 -37.70
N GLN B 238 -0.52 16.35 -36.54
CA GLN B 238 -1.51 15.24 -36.51
C GLN B 238 -2.89 15.78 -36.85
N GLN B 239 -3.79 14.89 -37.24
CA GLN B 239 -5.14 15.37 -37.64
C GLN B 239 -6.07 15.45 -36.43
N GLU B 240 -5.57 16.06 -35.37
CA GLU B 240 -6.24 16.09 -34.07
C GLU B 240 -6.94 17.43 -33.85
N PRO B 241 -8.08 17.43 -33.11
CA PRO B 241 -8.69 18.70 -32.70
C PRO B 241 -7.65 19.56 -31.99
N ALA B 242 -7.62 20.85 -32.32
CA ALA B 242 -6.60 21.79 -31.86
C ALA B 242 -6.31 21.77 -30.35
N TRP B 243 -7.34 21.54 -29.55
CA TRP B 243 -7.21 21.57 -28.09
C TRP B 243 -6.23 20.52 -27.53
N THR B 244 -6.06 19.40 -28.25
CA THR B 244 -5.22 18.26 -27.81
C THR B 244 -3.71 18.55 -27.82
N ILE B 245 -3.30 19.64 -28.48
CA ILE B 245 -1.86 19.93 -28.63
C ILE B 245 -1.18 20.18 -27.28
N GLY B 246 -0.08 19.46 -27.05
CA GLY B 246 0.61 19.49 -25.76
C GLY B 246 0.07 18.45 -24.76
N GLY B 247 -1.01 17.77 -25.16
CA GLY B 247 -1.56 16.62 -24.40
C GLY B 247 -0.88 15.32 -24.81
N SER B 248 -1.35 14.18 -24.26
CA SER B 248 -0.80 12.84 -24.60
C SER B 248 -1.86 11.79 -24.38
N TYR B 249 -1.89 10.79 -25.25
CA TYR B 249 -2.78 9.67 -24.99
C TYR B 249 -2.17 8.80 -23.90
N GLN B 250 -3.03 8.26 -23.03
CA GLN B 250 -2.59 7.58 -21.79
C GLN B 250 -3.29 6.23 -21.77
N ALA B 251 -2.50 5.17 -21.73
CA ALA B 251 -3.02 3.81 -21.57
C ALA B 251 -2.66 3.31 -20.15
N VAL B 252 -3.66 2.78 -19.45
CA VAL B 252 -3.51 2.32 -18.09
C VAL B 252 -3.96 0.86 -18.01
N ARG B 253 -3.12 0.01 -17.45
CA ARG B 253 -3.48 -1.41 -17.33
C ARG B 253 -3.17 -1.92 -15.94
N LEU B 254 -4.18 -2.50 -15.30
CA LEU B 254 -4.00 -3.09 -13.97
C LEU B 254 -3.73 -4.61 -14.16
N ILE B 255 -2.51 -5.05 -13.81
CA ILE B 255 -2.03 -6.37 -14.20
C ILE B 255 -1.64 -7.21 -12.97
N GLN B 256 -2.42 -8.27 -12.68
CA GLN B 256 -2.08 -9.17 -11.57
C GLN B 256 -0.95 -10.08 -12.01
N PHE B 257 -0.11 -10.47 -11.06
CA PHE B 257 0.92 -11.48 -11.30
C PHE B 257 0.63 -12.72 -10.49
N ARG B 258 0.79 -13.88 -11.13
CA ARG B 258 0.75 -15.16 -10.38
C ARG B 258 2.12 -15.36 -9.74
N VAL B 259 2.33 -14.75 -8.58
CA VAL B 259 3.68 -14.74 -8.00
C VAL B 259 4.16 -16.04 -7.39
N GLU B 260 3.28 -16.76 -6.69
CA GLU B 260 3.69 -18.04 -6.07
C GLU B 260 4.19 -19.00 -7.17
N PHE B 261 3.40 -19.09 -8.22
CA PHE B 261 3.70 -19.84 -9.42
C PHE B 261 4.99 -19.39 -10.16
N TRP B 262 5.14 -18.09 -10.39
CA TRP B 262 6.38 -17.51 -10.88
C TRP B 262 7.58 -17.93 -10.06
N ASP B 263 7.47 -17.84 -8.73
CA ASP B 263 8.60 -18.16 -7.84
C ASP B 263 8.92 -19.65 -7.84
N ARG B 264 8.02 -20.48 -8.36
CA ARG B 264 8.26 -21.93 -8.52
C ARG B 264 8.78 -22.26 -9.91
N THR B 265 9.07 -21.25 -10.72
CA THR B 265 9.42 -21.43 -12.12
C THR B 265 10.93 -21.30 -12.31
N PRO B 266 11.54 -22.24 -13.08
CA PRO B 266 12.99 -22.20 -13.31
C PRO B 266 13.47 -20.82 -13.73
N LEU B 267 14.64 -20.41 -13.23
CA LEU B 267 15.21 -19.12 -13.65
C LEU B 267 15.43 -19.08 -15.18
N LYS B 268 15.87 -20.22 -15.75
CA LYS B 268 16.09 -20.28 -17.21
C LYS B 268 14.80 -19.90 -17.95
N GLU B 269 13.68 -20.49 -17.51
CA GLU B 269 12.37 -20.18 -18.10
C GLU B 269 11.97 -18.71 -17.85
N GLN B 270 12.23 -18.20 -16.64
CA GLN B 270 11.91 -16.78 -16.37
C GLN B 270 12.65 -15.88 -17.36
N GLN B 271 13.93 -16.19 -17.57
CA GLN B 271 14.71 -15.37 -18.51
C GLN B 271 14.28 -15.57 -19.97
N THR B 272 13.92 -16.80 -20.32
CA THR B 272 13.36 -17.07 -21.67
C THR B 272 12.08 -16.27 -21.93
N ILE B 273 11.21 -16.23 -20.93
CA ILE B 273 10.00 -15.44 -21.01
C ILE B 273 10.27 -13.94 -21.26
N PHE B 274 11.21 -13.35 -20.51
CA PHE B 274 11.48 -11.92 -20.72
C PHE B 274 12.42 -11.64 -21.89
N GLY B 275 13.22 -12.61 -22.27
CA GLY B 275 14.23 -12.37 -23.31
C GLY B 275 15.46 -11.64 -22.74
N ARG B 276 15.58 -11.59 -21.40
CA ARG B 276 16.60 -10.78 -20.71
C ARG B 276 17.27 -11.54 -19.56
N ASP B 277 18.53 -11.18 -19.27
CA ASP B 277 19.20 -11.63 -18.06
C ASP B 277 18.49 -10.98 -16.86
N LYS B 278 18.15 -11.77 -15.85
CA LYS B 278 17.42 -11.26 -14.69
C LYS B 278 18.21 -10.20 -13.89
N GLN B 279 19.50 -10.47 -13.61
CA GLN B 279 20.30 -9.57 -12.75
C GLN B 279 20.73 -8.30 -13.44
N THR B 280 21.21 -8.38 -14.68
CA THR B 280 21.70 -7.16 -15.32
C THR B 280 20.64 -6.46 -16.17
N GLY B 281 19.61 -7.20 -16.61
CA GLY B 281 18.65 -6.65 -17.55
C GLY B 281 19.10 -6.59 -19.00
N ALA B 282 20.23 -7.24 -19.31
CA ALA B 282 20.76 -7.27 -20.68
C ALA B 282 19.97 -8.28 -21.51
N PRO B 283 19.71 -7.97 -22.79
CA PRO B 283 19.02 -8.99 -23.60
C PRO B 283 19.89 -10.22 -23.68
N LEU B 284 19.29 -11.42 -23.66
CA LEU B 284 20.08 -12.65 -23.63
C LEU B 284 21.07 -12.70 -24.79
N GLY B 285 22.24 -13.26 -24.53
CA GLY B 285 23.37 -13.22 -25.45
C GLY B 285 24.28 -11.99 -25.33
N MET B 286 23.79 -10.91 -24.73
CA MET B 286 24.51 -9.63 -24.73
C MET B 286 25.06 -9.21 -23.36
N GLN B 287 25.74 -8.05 -23.31
CA GLN B 287 26.51 -7.64 -22.11
C GLN B 287 25.86 -6.58 -21.22
N HIS B 288 25.40 -5.49 -21.83
CA HIS B 288 24.93 -4.34 -21.07
C HIS B 288 23.42 -4.24 -21.10
N GLU B 289 22.86 -3.79 -19.97
CA GLU B 289 21.42 -3.54 -19.82
C GLU B 289 20.78 -2.94 -21.08
N HIS B 290 21.47 -1.99 -21.69
CA HIS B 290 20.92 -1.20 -22.79
C HIS B 290 21.34 -1.64 -24.19
N ASP B 291 21.99 -2.80 -24.28
CA ASP B 291 22.34 -3.42 -25.56
C ASP B 291 21.13 -3.68 -26.47
N VAL B 292 21.35 -3.64 -27.77
CA VAL B 292 20.30 -3.88 -28.77
C VAL B 292 20.62 -5.18 -29.51
N PRO B 293 19.63 -6.08 -29.62
CA PRO B 293 19.92 -7.41 -30.19
C PRO B 293 19.84 -7.47 -31.72
N ASP B 294 20.42 -8.52 -32.31
CA ASP B 294 20.38 -8.74 -33.77
C ASP B 294 19.49 -9.94 -34.09
N TYR B 295 18.20 -9.66 -34.23
CA TYR B 295 17.21 -10.69 -34.41
C TYR B 295 17.41 -11.48 -35.70
N ALA B 296 17.98 -10.81 -36.71
CA ALA B 296 18.25 -11.42 -38.01
C ALA B 296 19.22 -12.59 -37.94
N SER B 297 20.04 -12.62 -36.89
CA SER B 297 21.00 -13.68 -36.68
C SER B 297 20.39 -14.92 -36.06
N ASP B 298 19.28 -14.74 -35.34
CA ASP B 298 18.63 -15.83 -34.64
C ASP B 298 17.11 -15.89 -35.00
N PRO B 299 16.83 -16.24 -36.28
CA PRO B 299 15.46 -16.26 -36.78
C PRO B 299 14.58 -17.31 -36.08
N GLU B 300 15.21 -18.35 -35.49
CA GLU B 300 14.44 -19.35 -34.76
C GLU B 300 14.21 -18.93 -33.30
N GLY B 301 14.91 -17.88 -32.87
CA GLY B 301 14.87 -17.45 -31.47
C GLY B 301 15.45 -18.49 -30.52
N LYS B 302 16.60 -19.04 -30.88
CA LYS B 302 17.35 -19.91 -29.98
C LYS B 302 17.94 -19.14 -28.82
N VAL B 303 18.34 -17.89 -29.04
CA VAL B 303 18.93 -17.05 -27.97
C VAL B 303 17.88 -16.16 -27.26
N ILE B 304 17.13 -15.39 -28.07
CA ILE B 304 15.98 -14.63 -27.61
C ILE B 304 14.75 -15.22 -28.29
N ALA B 305 13.85 -15.81 -27.49
CA ALA B 305 12.70 -16.52 -28.04
C ALA B 305 11.76 -15.60 -28.81
N LEU B 306 11.08 -16.17 -29.80
CA LEU B 306 10.19 -15.35 -30.67
C LEU B 306 8.95 -14.82 -29.91
N ASP B 307 8.52 -15.55 -28.87
CA ASP B 307 7.40 -15.15 -27.99
C ASP B 307 7.87 -14.48 -26.69
N SER B 308 9.12 -14.02 -26.66
CA SER B 308 9.60 -13.34 -25.44
C SER B 308 9.04 -11.92 -25.40
N HIS B 309 8.97 -11.33 -24.22
CA HIS B 309 8.42 -9.98 -24.07
C HIS B 309 9.21 -8.94 -24.89
N ILE B 310 10.54 -8.96 -24.78
CA ILE B 310 11.40 -8.00 -25.49
C ILE B 310 11.23 -8.10 -27.02
N ARG B 311 11.14 -9.31 -27.54
CA ARG B 311 11.20 -9.53 -29.00
C ARG B 311 9.85 -9.36 -29.72
N LEU B 312 8.79 -9.96 -29.18
CA LEU B 312 7.45 -9.71 -29.70
C LEU B 312 7.05 -8.22 -29.67
N ALA B 313 7.53 -7.48 -28.66
CA ALA B 313 7.22 -6.06 -28.54
C ALA B 313 7.86 -5.20 -29.63
N ASN B 314 9.13 -5.52 -29.95
CA ASN B 314 10.02 -4.75 -30.84
C ASN B 314 10.48 -5.62 -32.03
N PRO B 315 10.05 -5.30 -33.26
CA PRO B 315 10.56 -6.03 -34.44
C PRO B 315 11.63 -5.22 -35.20
N SER B 320 12.60 0.55 -31.31
CA SER B 320 11.40 0.59 -32.14
C SER B 320 11.20 1.97 -32.79
N GLU B 321 10.14 2.10 -33.59
CA GLU B 321 9.92 3.30 -34.42
C GLU B 321 8.80 4.25 -33.90
N SER B 322 7.72 4.36 -34.67
CA SER B 322 6.52 5.09 -34.29
C SER B 322 5.60 4.30 -33.31
N SER B 323 6.02 3.09 -32.93
CA SER B 323 5.31 2.33 -31.90
C SER B 323 6.03 2.52 -30.56
N LEU B 324 6.99 3.45 -30.54
CA LEU B 324 7.66 3.82 -29.30
C LEU B 324 6.63 4.53 -28.38
N MET B 325 6.85 4.44 -27.07
CA MET B 325 5.97 5.07 -26.08
C MET B 325 6.76 5.19 -24.81
N LEU B 326 6.33 6.11 -23.93
CA LEU B 326 6.95 6.25 -22.62
C LEU B 326 6.18 5.48 -21.53
N ARG B 327 6.84 4.50 -20.95
CA ARG B 327 6.27 3.74 -19.85
C ARG B 327 6.66 4.32 -18.50
N ARG B 328 5.71 4.33 -17.58
CA ARG B 328 5.92 4.90 -16.27
C ARG B 328 5.07 4.13 -15.26
N GLY B 329 5.30 2.81 -15.20
CA GLY B 329 4.57 1.88 -14.28
C GLY B 329 5.11 1.75 -12.86
N TYR B 330 4.22 1.28 -11.95
CA TYR B 330 4.46 1.10 -10.52
C TYR B 330 4.05 -0.29 -10.07
N SER B 331 4.77 -0.85 -9.10
CA SER B 331 4.32 -2.10 -8.45
C SER B 331 3.11 -1.83 -7.57
N TYR B 332 2.30 -2.86 -7.30
CA TYR B 332 1.25 -2.82 -6.26
C TYR B 332 1.15 -4.17 -5.51
N SER B 333 0.68 -4.11 -4.27
CA SER B 333 0.54 -5.28 -3.45
C SER B 333 -0.65 -5.03 -2.54
N LEU B 334 -1.67 -5.90 -2.62
CA LEU B 334 -2.92 -5.63 -1.92
C LEU B 334 -3.20 -6.74 -0.90
N GLY B 335 -4.26 -7.52 -1.12
CA GLY B 335 -4.59 -8.59 -0.20
C GLY B 335 -4.34 -9.95 -0.88
N VAL B 336 -5.44 -10.69 -1.03
CA VAL B 336 -5.43 -12.02 -1.57
C VAL B 336 -6.48 -12.03 -2.68
N THR B 337 -6.30 -12.86 -3.71
CA THR B 337 -7.29 -13.00 -4.78
C THR B 337 -8.47 -13.90 -4.33
N ASN B 338 -9.54 -13.94 -5.13
CA ASN B 338 -10.69 -14.85 -4.85
C ASN B 338 -10.28 -16.30 -4.84
N SER B 339 -9.22 -16.63 -5.60
CA SER B 339 -8.60 -17.94 -5.57
C SER B 339 -7.73 -18.21 -4.33
N GLY B 340 -7.50 -17.20 -3.48
CA GLY B 340 -6.66 -17.41 -2.31
C GLY B 340 -5.17 -17.19 -2.55
N GLN B 341 -4.82 -16.58 -3.67
CA GLN B 341 -3.42 -16.32 -3.97
C GLN B 341 -3.05 -14.88 -3.64
N LEU B 342 -1.75 -14.58 -3.52
CA LEU B 342 -1.35 -13.17 -3.31
C LEU B 342 -1.82 -12.26 -4.46
N ASP B 343 -2.45 -11.14 -4.11
CA ASP B 343 -2.83 -10.13 -5.08
C ASP B 343 -1.69 -9.09 -5.17
N MET B 344 -0.86 -9.21 -6.19
CA MET B 344 0.18 -8.22 -6.46
C MET B 344 0.51 -8.19 -7.92
N GLY B 345 1.12 -7.09 -8.36
CA GLY B 345 1.30 -6.90 -9.76
C GLY B 345 1.86 -5.57 -10.18
N LEU B 346 1.38 -5.10 -11.31
CA LEU B 346 1.88 -3.90 -11.93
C LEU B 346 0.72 -2.95 -12.27
N LEU B 347 0.90 -1.69 -11.90
CA LEU B 347 0.04 -0.62 -12.41
C LEU B 347 0.77 -0.04 -13.61
N PHE B 348 0.41 -0.54 -14.80
CA PHE B 348 1.05 -0.14 -16.04
C PHE B 348 0.45 1.17 -16.55
N VAL B 349 1.30 2.13 -16.87
CA VAL B 349 0.87 3.41 -17.43
C VAL B 349 1.82 3.76 -18.52
N CYS B 350 1.29 4.12 -19.70
CA CYS B 350 2.16 4.62 -20.75
C CYS B 350 1.54 5.84 -21.45
N TYR B 351 2.41 6.69 -21.98
CA TYR B 351 2.01 7.94 -22.64
C TYR B 351 2.58 7.91 -24.05
N GLN B 352 1.80 8.39 -25.03
CA GLN B 352 2.21 8.41 -26.44
C GLN B 352 1.40 9.41 -27.28
N HIS B 353 1.97 9.87 -28.39
CA HIS B 353 1.32 10.90 -29.22
C HIS B 353 0.05 10.39 -29.88
N ASP B 354 0.01 9.07 -30.13
CA ASP B 354 -1.10 8.45 -30.81
C ASP B 354 -1.41 7.07 -30.22
N LEU B 355 -2.59 6.91 -29.60
CA LEU B 355 -2.98 5.66 -28.93
C LEU B 355 -2.97 4.44 -29.87
N GLU B 356 -3.43 4.65 -31.11
CA GLU B 356 -3.41 3.60 -32.13
C GLU B 356 -1.98 3.13 -32.43
N LYS B 357 -1.07 4.08 -32.64
CA LYS B 357 0.33 3.77 -33.02
C LYS B 357 1.20 3.23 -31.90
N GLY B 358 0.90 3.61 -30.66
CA GLY B 358 1.65 3.11 -29.49
C GLY B 358 0.96 1.89 -28.90
N PHE B 359 0.21 2.07 -27.82
CA PHE B 359 -0.30 0.91 -27.03
C PHE B 359 -1.10 -0.12 -27.82
N LEU B 360 -2.05 0.33 -28.63
CA LEU B 360 -2.87 -0.63 -29.41
C LEU B 360 -2.02 -1.48 -30.36
N THR B 361 -1.01 -0.87 -30.98
CA THR B 361 -0.11 -1.58 -31.88
C THR B 361 0.75 -2.59 -31.09
N VAL B 362 1.37 -2.14 -30.00
CA VAL B 362 2.27 -3.00 -29.21
C VAL B 362 1.56 -4.14 -28.48
N GLN B 363 0.42 -3.86 -27.83
CA GLN B 363 -0.32 -4.94 -27.18
C GLN B 363 -0.83 -5.97 -28.21
N LYS B 364 -1.18 -5.50 -29.40
CA LYS B 364 -1.57 -6.44 -30.47
C LYS B 364 -0.43 -7.40 -30.82
N ARG B 365 0.77 -6.85 -31.01
CA ARG B 365 2.00 -7.66 -31.23
C ARG B 365 2.22 -8.71 -30.15
N LEU B 366 1.80 -8.37 -28.94
CA LEU B 366 2.08 -9.22 -27.78
C LEU B 366 1.07 -10.35 -27.52
N ASN B 367 -0.04 -10.39 -28.28
CA ASN B 367 -1.05 -11.46 -28.09
C ASN B 367 -0.36 -12.84 -28.18
N GLY B 368 -0.57 -13.65 -27.16
CA GLY B 368 0.00 -14.99 -27.08
C GLY B 368 1.43 -15.08 -26.58
N GLU B 369 2.01 -13.97 -26.05
CA GLU B 369 3.39 -14.02 -25.54
C GLU B 369 3.49 -15.01 -24.39
N ALA B 370 4.69 -15.54 -24.14
CA ALA B 370 4.87 -16.59 -23.10
C ALA B 370 4.51 -16.09 -21.69
N LEU B 371 4.68 -14.78 -21.49
CA LEU B 371 4.40 -14.17 -20.16
C LEU B 371 2.92 -14.25 -19.80
N GLU B 372 2.05 -14.42 -20.80
CA GLU B 372 0.61 -14.48 -20.54
C GLU B 372 0.26 -15.57 -19.53
N GLU B 373 1.08 -16.62 -19.43
CA GLU B 373 0.84 -17.69 -18.47
C GLU B 373 0.92 -17.18 -17.02
N TYR B 374 1.62 -16.06 -16.84
CA TYR B 374 1.91 -15.57 -15.50
C TYR B 374 1.31 -14.23 -15.15
N VAL B 375 0.65 -13.58 -16.09
CA VAL B 375 0.04 -12.25 -15.84
C VAL B 375 -1.44 -12.24 -16.27
N LYS B 376 -2.21 -11.36 -15.66
CA LYS B 376 -3.64 -11.24 -15.94
C LYS B 376 -4.13 -9.81 -15.81
N PRO B 377 -4.33 -9.13 -16.95
CA PRO B 377 -4.84 -7.76 -16.88
C PRO B 377 -6.32 -7.77 -16.49
N ILE B 378 -6.69 -6.93 -15.52
CA ILE B 378 -8.05 -6.97 -14.93
C ILE B 378 -8.75 -5.60 -14.94
N GLY B 379 -8.05 -4.56 -15.39
CA GLY B 379 -8.64 -3.22 -15.33
C GLY B 379 -7.77 -2.12 -15.93
N GLY B 380 -8.15 -0.88 -15.69
CA GLY B 380 -7.51 0.27 -16.31
C GLY B 380 -8.40 0.88 -17.37
N GLY B 381 -7.80 1.39 -18.44
CA GLY B 381 -8.57 2.02 -19.50
C GLY B 381 -7.74 3.02 -20.27
N TYR B 382 -8.36 3.65 -21.27
CA TYR B 382 -7.67 4.68 -22.07
C TYR B 382 -8.20 6.07 -21.77
N PHE B 383 -7.30 7.04 -21.77
CA PHE B 383 -7.66 8.41 -21.39
C PHE B 383 -6.84 9.35 -22.24
N PHE B 384 -7.22 10.61 -22.29
CA PHE B 384 -6.37 11.61 -22.89
C PHE B 384 -5.87 12.59 -21.84
N ALA B 385 -4.55 12.62 -21.64
CA ALA B 385 -3.95 13.55 -20.69
C ALA B 385 -3.94 14.94 -21.31
N LEU B 386 -4.62 15.87 -20.63
CA LEU B 386 -4.79 17.25 -21.13
C LEU B 386 -3.47 17.98 -21.34
N PRO B 387 -3.48 19.02 -22.21
CA PRO B 387 -2.33 19.91 -22.25
C PRO B 387 -2.07 20.57 -20.90
N GLY B 388 -0.88 21.11 -20.69
CA GLY B 388 -0.54 21.79 -19.45
C GLY B 388 -1.36 23.06 -19.21
N VAL B 389 -1.36 23.53 -17.97
CA VAL B 389 -1.97 24.80 -17.60
C VAL B 389 -0.83 25.82 -17.57
N LYS B 390 -0.88 26.79 -18.49
CA LYS B 390 0.32 27.60 -18.71
C LYS B 390 0.58 28.61 -17.59
N ASP B 391 -0.46 29.11 -16.95
CA ASP B 391 -0.30 29.98 -15.76
C ASP B 391 -1.54 30.10 -14.86
N ALA B 392 -1.36 30.82 -13.75
CA ALA B 392 -2.43 31.11 -12.78
C ALA B 392 -3.73 31.67 -13.37
N ASN B 393 -3.67 32.25 -14.56
CA ASN B 393 -4.89 32.70 -15.25
C ASN B 393 -5.54 31.63 -16.16
N ASP B 394 -4.82 30.53 -16.41
CA ASP B 394 -5.35 29.41 -17.19
C ASP B 394 -6.01 28.33 -16.29
N TYR B 395 -6.65 27.36 -16.93
CA TYR B 395 -7.24 26.24 -16.23
C TYR B 395 -7.35 25.01 -17.16
N PHE B 396 -7.53 23.84 -16.55
CA PHE B 396 -7.64 22.58 -17.29
C PHE B 396 -8.71 22.61 -18.36
N GLY B 397 -8.31 22.22 -19.57
CA GLY B 397 -9.24 22.04 -20.67
C GLY B 397 -9.85 23.33 -21.21
N SER B 398 -9.23 24.46 -20.91
CA SER B 398 -9.76 25.76 -21.38
C SER B 398 -9.93 25.81 -22.90
N ALA B 399 -8.94 25.31 -23.65
CA ALA B 399 -9.02 25.27 -25.10
C ALA B 399 -10.16 24.36 -25.56
N LEU B 400 -10.36 23.26 -24.86
CA LEU B 400 -11.46 22.34 -25.12
C LEU B 400 -12.84 22.92 -24.77
N LEU B 401 -12.95 23.66 -23.66
CA LEU B 401 -14.25 24.13 -23.17
C LEU B 401 -14.80 25.37 -23.88
N ARG B 402 -14.02 25.96 -24.78
CA ARG B 402 -14.55 27.00 -25.68
C ARG B 402 -15.24 26.38 -26.91
N VAL B 403 -14.48 26.17 -27.99
CA VAL B 403 -15.01 25.50 -29.18
C VAL B 403 -13.88 24.92 -30.03
#